data_1BNB
#
_entry.id   1BNB
#
_cell.length_a   1.000
_cell.length_b   1.000
_cell.length_c   1.000
_cell.angle_alpha   90.00
_cell.angle_beta   90.00
_cell.angle_gamma   90.00
#
_symmetry.space_group_name_H-M   'P 1'
#
_entity_poly.entity_id   1
_entity_poly.type   'polypeptide(L)'
_entity_poly.pdbx_seq_one_letter_code
;APLSCGRNGGVCIPIRCPVPMRQIGTCFGRPVKCCRSW
;
_entity_poly.pdbx_strand_id   A
#
# COMPACT_ATOMS: atom_id res chain seq x y z
N ALA A 1 2.16 5.68 -11.70
CA ALA A 1 3.61 5.39 -11.73
C ALA A 1 3.85 3.98 -11.17
N PRO A 2 4.98 3.42 -11.50
CA PRO A 2 5.36 2.08 -11.03
C PRO A 2 5.85 2.14 -9.59
N LEU A 3 5.80 1.04 -8.89
CA LEU A 3 6.28 1.01 -7.47
C LEU A 3 5.36 1.87 -6.60
N SER A 4 5.52 3.16 -6.64
CA SER A 4 4.66 4.06 -5.83
C SER A 4 4.89 3.76 -4.34
N CYS A 5 4.03 4.27 -3.48
CA CYS A 5 4.20 4.04 -2.01
C CYS A 5 5.44 4.78 -1.49
N GLY A 6 6.09 5.56 -2.31
CA GLY A 6 7.28 6.31 -1.83
C GLY A 6 6.82 7.53 -1.03
N ARG A 7 6.02 8.36 -1.63
CA ARG A 7 5.52 9.55 -0.92
C ARG A 7 4.62 9.09 0.25
N ASN A 8 3.83 8.09 0.02
CA ASN A 8 2.93 7.59 1.11
C ASN A 8 3.81 6.97 2.20
N GLY A 9 4.82 6.26 1.82
CA GLY A 9 5.72 5.62 2.83
C GLY A 9 5.02 4.39 3.39
N GLY A 10 4.69 3.44 2.55
CA GLY A 10 4.02 2.21 3.04
C GLY A 10 4.46 1.02 2.18
N VAL A 11 3.83 -0.11 2.35
CA VAL A 11 4.22 -1.29 1.54
C VAL A 11 3.22 -1.47 0.39
N CYS A 12 3.66 -2.02 -0.71
CA CYS A 12 2.75 -2.21 -1.86
C CYS A 12 2.14 -3.60 -1.82
N ILE A 13 0.97 -3.75 -1.25
CA ILE A 13 0.32 -5.07 -1.20
C ILE A 13 -0.67 -5.20 -2.36
N PRO A 14 -0.56 -6.26 -3.10
CA PRO A 14 -1.42 -6.52 -4.26
C PRO A 14 -2.80 -7.04 -3.80
N ILE A 15 -3.68 -7.28 -4.73
CA ILE A 15 -5.04 -7.76 -4.38
C ILE A 15 -5.76 -6.73 -3.52
N ARG A 16 -5.70 -6.83 -2.21
CA ARG A 16 -6.39 -5.82 -1.36
C ARG A 16 -5.63 -5.65 -0.06
N CYS A 17 -5.97 -4.65 0.70
CA CYS A 17 -5.27 -4.43 1.99
C CYS A 17 -5.78 -5.44 3.02
N PRO A 18 -4.86 -6.20 3.57
CA PRO A 18 -5.18 -7.22 4.58
C PRO A 18 -5.36 -6.55 5.94
N VAL A 19 -6.48 -6.78 6.57
CA VAL A 19 -6.72 -6.17 7.91
C VAL A 19 -5.77 -6.80 8.93
N PRO A 20 -5.54 -6.10 10.01
CA PRO A 20 -6.14 -4.78 10.27
C PRO A 20 -5.37 -3.66 9.56
N MET A 21 -4.47 -3.98 8.67
CA MET A 21 -3.71 -2.92 7.97
C MET A 21 -4.68 -2.08 7.14
N ARG A 22 -4.47 -0.79 7.10
CA ARG A 22 -5.38 0.08 6.31
C ARG A 22 -4.65 0.55 5.04
N GLN A 23 -5.39 0.79 3.99
CA GLN A 23 -4.74 1.25 2.73
C GLN A 23 -4.29 2.71 2.90
N ILE A 24 -3.17 3.07 2.34
CA ILE A 24 -2.69 4.48 2.47
C ILE A 24 -2.09 4.93 1.14
N GLY A 25 -2.71 4.56 0.05
CA GLY A 25 -2.17 4.98 -1.28
C GLY A 25 -2.32 3.82 -2.26
N THR A 26 -1.72 3.90 -3.42
CA THR A 26 -1.84 2.79 -4.40
C THR A 26 -0.45 2.43 -4.92
N CYS A 27 -0.33 1.32 -5.59
CA CYS A 27 1.00 0.91 -6.12
C CYS A 27 0.82 0.33 -7.53
N PHE A 28 1.73 0.63 -8.42
CA PHE A 28 1.63 0.11 -9.82
C PHE A 28 0.28 0.48 -10.43
N GLY A 29 -0.31 1.55 -9.99
CA GLY A 29 -1.63 1.94 -10.55
C GLY A 29 -2.74 1.42 -9.65
N ARG A 30 -3.66 0.68 -10.19
CA ARG A 30 -4.79 0.15 -9.38
C ARG A 30 -4.65 -1.34 -8.97
N PRO A 31 -3.72 -2.09 -9.54
CA PRO A 31 -3.58 -3.51 -9.18
C PRO A 31 -2.97 -3.67 -7.78
N VAL A 32 -1.95 -2.92 -7.47
CA VAL A 32 -1.35 -3.03 -6.12
C VAL A 32 -1.75 -1.79 -5.31
N LYS A 33 -1.76 -1.88 -4.01
CA LYS A 33 -2.15 -0.71 -3.20
C LYS A 33 -1.16 -0.51 -2.05
N CYS A 34 -1.19 0.65 -1.44
CA CYS A 34 -0.27 0.91 -0.30
C CYS A 34 -0.97 0.51 1.00
N CYS A 35 -0.28 -0.13 1.89
CA CYS A 35 -0.93 -0.55 3.16
C CYS A 35 -0.03 -0.20 4.34
N ARG A 36 -0.59 0.38 5.37
CA ARG A 36 0.23 0.75 6.56
C ARG A 36 -0.66 0.70 7.80
N SER A 37 -0.07 0.54 8.95
CA SER A 37 -0.87 0.49 10.19
C SER A 37 -1.21 1.92 10.64
N TRP A 38 -0.31 2.84 10.39
CA TRP A 38 -0.59 4.26 10.78
C TRP A 38 -0.59 5.12 9.53
N ALA A 1 12.23 11.99 -2.20
CA ALA A 1 12.63 10.75 -1.47
C ALA A 1 11.38 10.11 -0.85
N PRO A 2 10.72 10.82 0.02
CA PRO A 2 9.51 10.32 0.69
C PRO A 2 8.31 10.42 -0.26
N LEU A 3 8.14 9.44 -1.10
CA LEU A 3 6.99 9.48 -2.05
C LEU A 3 5.76 8.94 -1.34
N SER A 4 4.64 8.90 -2.01
CA SER A 4 3.40 8.39 -1.37
C SER A 4 3.65 6.95 -0.89
N CYS A 5 2.92 6.52 0.10
CA CYS A 5 3.10 5.14 0.64
C CYS A 5 4.40 5.06 1.43
N GLY A 6 5.52 5.29 0.80
CA GLY A 6 6.82 5.24 1.52
C GLY A 6 6.82 6.28 2.64
N ARG A 7 6.42 7.49 2.34
CA ARG A 7 6.40 8.54 3.38
C ARG A 7 5.37 8.19 4.46
N ASN A 8 4.35 7.48 4.10
CA ASN A 8 3.32 7.11 5.12
C ASN A 8 3.74 5.84 5.86
N GLY A 9 4.73 5.15 5.36
CA GLY A 9 5.18 3.90 6.05
C GLY A 9 4.39 2.70 5.51
N GLY A 10 3.65 2.88 4.44
CA GLY A 10 2.89 1.73 3.88
C GLY A 10 3.69 1.08 2.77
N VAL A 11 3.44 -0.17 2.50
CA VAL A 11 4.19 -0.85 1.41
C VAL A 11 3.22 -1.24 0.30
N CYS A 12 3.73 -1.45 -0.89
CA CYS A 12 2.84 -1.83 -2.02
C CYS A 12 2.45 -3.30 -1.90
N ILE A 13 1.34 -3.59 -1.28
CA ILE A 13 0.92 -5.01 -1.14
C ILE A 13 -0.14 -5.32 -2.19
N PRO A 14 0.12 -6.32 -2.99
CA PRO A 14 -0.79 -6.75 -4.05
C PRO A 14 -1.93 -7.58 -3.47
N ILE A 15 -2.89 -7.95 -4.27
CA ILE A 15 -4.03 -8.76 -3.77
C ILE A 15 -4.64 -8.05 -2.55
N ARG A 16 -4.79 -8.72 -1.43
CA ARG A 16 -5.37 -8.03 -0.24
C ARG A 16 -4.26 -7.71 0.74
N CYS A 17 -4.52 -6.85 1.70
CA CYS A 17 -3.47 -6.51 2.69
C CYS A 17 -3.90 -7.01 4.07
N PRO A 18 -2.94 -7.25 4.91
CA PRO A 18 -3.18 -7.75 6.28
C PRO A 18 -3.66 -6.63 7.19
N VAL A 19 -4.13 -6.96 8.36
CA VAL A 19 -4.62 -5.91 9.30
C VAL A 19 -3.46 -5.04 9.75
N PRO A 20 -3.77 -3.82 10.11
CA PRO A 20 -5.15 -3.30 10.10
C PRO A 20 -5.57 -2.86 8.69
N MET A 21 -4.79 -3.17 7.69
CA MET A 21 -5.16 -2.78 6.30
C MET A 21 -5.27 -1.26 6.22
N ARG A 22 -4.22 -0.56 6.53
CA ARG A 22 -4.27 0.93 6.47
C ARG A 22 -3.86 1.36 5.06
N GLN A 23 -4.79 1.46 4.17
CA GLN A 23 -4.46 1.86 2.77
C GLN A 23 -4.14 3.36 2.74
N ILE A 24 -2.98 3.71 2.26
CA ILE A 24 -2.60 5.15 2.17
C ILE A 24 -2.13 5.45 0.75
N GLY A 25 -2.71 4.82 -0.23
CA GLY A 25 -2.28 5.08 -1.63
C GLY A 25 -2.40 3.79 -2.45
N THR A 26 -2.08 3.85 -3.71
CA THR A 26 -2.19 2.64 -4.56
C THR A 26 -0.84 2.39 -5.25
N CYS A 27 -0.66 1.21 -5.80
CA CYS A 27 0.62 0.91 -6.49
C CYS A 27 0.34 0.23 -7.83
N PHE A 28 0.95 0.71 -8.88
CA PHE A 28 0.74 0.10 -10.23
C PHE A 28 -0.75 0.10 -10.58
N GLY A 29 -1.47 1.10 -10.17
CA GLY A 29 -2.92 1.14 -10.49
C GLY A 29 -3.72 0.56 -9.34
N ARG A 30 -4.66 -0.30 -9.63
CA ARG A 30 -5.49 -0.89 -8.54
C ARG A 30 -5.08 -2.33 -8.14
N PRO A 31 -4.10 -2.94 -8.79
CA PRO A 31 -3.70 -4.32 -8.42
C PRO A 31 -2.91 -4.29 -7.11
N VAL A 32 -1.99 -3.38 -6.97
CA VAL A 32 -1.21 -3.31 -5.72
C VAL A 32 -1.65 -2.05 -4.97
N LYS A 33 -1.60 -2.07 -3.66
CA LYS A 33 -2.03 -0.86 -2.90
C LYS A 33 -1.02 -0.56 -1.80
N CYS A 34 -1.03 0.64 -1.29
CA CYS A 34 -0.09 0.99 -0.21
C CYS A 34 -0.76 0.70 1.13
N CYS A 35 -0.70 -0.53 1.58
CA CYS A 35 -1.34 -0.88 2.86
C CYS A 35 -0.32 -0.86 3.99
N ARG A 36 -0.70 -0.39 5.14
CA ARG A 36 0.24 -0.34 6.29
C ARG A 36 -0.17 -1.40 7.30
N SER A 37 0.78 -1.90 8.05
CA SER A 37 0.43 -2.93 9.06
C SER A 37 0.25 -2.28 10.42
N TRP A 38 0.03 -0.98 10.46
CA TRP A 38 -0.16 -0.28 11.75
C TRP A 38 -0.76 1.10 11.47
N ALA A 1 8.65 -6.10 -9.28
CA ALA A 1 8.33 -4.70 -8.88
C ALA A 1 8.68 -4.51 -7.41
N PRO A 2 8.91 -3.28 -7.03
CA PRO A 2 9.27 -2.92 -5.65
C PRO A 2 8.03 -2.94 -4.76
N LEU A 3 8.10 -3.61 -3.65
CA LEU A 3 6.93 -3.66 -2.73
C LEU A 3 7.04 -2.57 -1.68
N SER A 4 7.86 -1.59 -1.88
CA SER A 4 8.01 -0.51 -0.87
C SER A 4 7.27 0.73 -1.36
N CYS A 5 6.24 1.13 -0.67
CA CYS A 5 5.49 2.34 -1.09
C CYS A 5 6.09 3.55 -0.39
N GLY A 6 7.18 4.05 -0.89
CA GLY A 6 7.84 5.22 -0.24
C GLY A 6 6.96 6.47 -0.40
N ARG A 7 6.13 6.50 -1.41
CA ARG A 7 5.26 7.69 -1.61
C ARG A 7 4.44 7.97 -0.35
N ASN A 8 3.84 6.95 0.20
CA ASN A 8 3.02 7.17 1.43
C ASN A 8 3.70 6.52 2.64
N GLY A 9 4.90 6.02 2.47
CA GLY A 9 5.61 5.40 3.61
C GLY A 9 4.87 4.12 4.03
N GLY A 10 4.60 3.25 3.10
CA GLY A 10 3.88 1.99 3.45
C GLY A 10 4.40 0.86 2.55
N VAL A 11 3.67 -0.21 2.43
CA VAL A 11 4.14 -1.33 1.56
C VAL A 11 3.15 -1.53 0.42
N CYS A 12 3.65 -1.80 -0.75
CA CYS A 12 2.75 -2.01 -1.91
C CYS A 12 2.24 -3.45 -1.91
N ILE A 13 1.18 -3.71 -1.18
CA ILE A 13 0.64 -5.09 -1.13
C ILE A 13 -0.54 -5.22 -2.11
N PRO A 14 -0.46 -6.19 -2.97
CA PRO A 14 -1.51 -6.46 -3.97
C PRO A 14 -2.68 -7.21 -3.32
N ILE A 15 -3.69 -7.50 -4.08
CA ILE A 15 -4.86 -8.25 -3.52
C ILE A 15 -5.33 -7.53 -2.24
N ARG A 16 -5.64 -8.26 -1.19
CA ARG A 16 -6.10 -7.59 0.05
C ARG A 16 -4.99 -7.65 1.10
N CYS A 17 -4.79 -6.59 1.82
CA CYS A 17 -3.71 -6.58 2.86
C CYS A 17 -4.26 -7.21 4.14
N PRO A 18 -3.37 -7.65 4.98
CA PRO A 18 -3.72 -8.28 6.26
C PRO A 18 -4.09 -7.21 7.30
N VAL A 19 -4.65 -7.61 8.40
CA VAL A 19 -5.04 -6.64 9.45
C VAL A 19 -3.80 -5.85 9.91
N PRO A 20 -4.00 -4.60 10.23
CA PRO A 20 -5.32 -3.95 10.19
C PRO A 20 -5.68 -3.52 8.76
N MET A 21 -4.77 -3.65 7.83
CA MET A 21 -5.07 -3.26 6.41
C MET A 21 -5.36 -1.75 6.33
N ARG A 22 -4.35 -0.94 6.38
CA ARG A 22 -4.58 0.53 6.28
C ARG A 22 -4.16 1.00 4.90
N GLN A 23 -5.08 1.07 3.97
CA GLN A 23 -4.72 1.53 2.60
C GLN A 23 -4.46 3.04 2.63
N ILE A 24 -3.30 3.46 2.25
CA ILE A 24 -2.98 4.91 2.26
C ILE A 24 -2.53 5.36 0.86
N GLY A 25 -2.73 4.55 -0.14
CA GLY A 25 -2.30 4.95 -1.52
C GLY A 25 -2.38 3.74 -2.44
N THR A 26 -2.06 3.91 -3.69
CA THR A 26 -2.13 2.76 -4.63
C THR A 26 -0.73 2.43 -5.14
N CYS A 27 -0.56 1.31 -5.78
CA CYS A 27 0.78 0.94 -6.30
C CYS A 27 0.63 0.30 -7.69
N PHE A 28 1.39 0.78 -8.65
CA PHE A 28 1.31 0.22 -10.02
C PHE A 28 -0.13 0.26 -10.52
N GLY A 29 -0.82 1.35 -10.31
CA GLY A 29 -2.23 1.43 -10.78
C GLY A 29 -3.15 1.02 -9.64
N ARG A 30 -4.19 0.29 -9.94
CA ARG A 30 -5.14 -0.14 -8.87
C ARG A 30 -4.95 -1.61 -8.42
N PRO A 31 -4.02 -2.37 -8.99
CA PRO A 31 -3.84 -3.77 -8.58
C PRO A 31 -3.12 -3.82 -7.22
N VAL A 32 -2.07 -3.08 -7.06
CA VAL A 32 -1.35 -3.10 -5.77
C VAL A 32 -1.71 -1.82 -5.01
N LYS A 33 -1.62 -1.83 -3.70
CA LYS A 33 -1.97 -0.62 -2.93
C LYS A 33 -0.97 -0.41 -1.80
N CYS A 34 -0.89 0.78 -1.27
CA CYS A 34 0.05 1.03 -0.15
C CYS A 34 -0.67 0.76 1.16
N CYS A 35 -0.41 -0.36 1.78
CA CYS A 35 -1.10 -0.67 3.06
C CYS A 35 -0.16 -0.41 4.23
N ARG A 36 -0.71 -0.13 5.38
CA ARG A 36 0.11 0.13 6.58
C ARG A 36 -0.50 -0.62 7.76
N SER A 37 0.13 -0.58 8.91
CA SER A 37 -0.44 -1.30 10.07
C SER A 37 -0.25 -0.47 11.35
N TRP A 38 -0.95 0.61 11.48
CA TRP A 38 -0.80 1.45 12.71
C TRP A 38 -2.18 1.61 13.35
N ALA A 1 9.92 2.84 3.65
CA ALA A 1 9.50 2.05 2.47
C ALA A 1 10.44 2.34 1.30
N PRO A 2 10.41 1.48 0.32
CA PRO A 2 11.26 1.62 -0.87
C PRO A 2 10.68 2.69 -1.81
N LEU A 3 11.16 2.75 -3.01
CA LEU A 3 10.63 3.77 -3.97
C LEU A 3 9.11 3.64 -4.05
N SER A 4 8.62 2.44 -4.04
CA SER A 4 7.14 2.24 -4.10
C SER A 4 6.52 2.72 -2.79
N CYS A 5 5.88 3.85 -2.81
CA CYS A 5 5.24 4.39 -1.59
C CYS A 5 6.32 4.72 -0.54
N GLY A 6 7.47 5.16 -0.98
CA GLY A 6 8.55 5.49 -0.01
C GLY A 6 8.14 6.75 0.77
N ARG A 7 7.65 7.74 0.07
CA ARG A 7 7.22 8.99 0.75
C ARG A 7 6.07 8.69 1.70
N ASN A 8 5.06 8.00 1.23
CA ASN A 8 3.90 7.66 2.10
C ASN A 8 4.38 6.79 3.26
N GLY A 9 5.34 5.94 3.02
CA GLY A 9 5.84 5.06 4.10
C GLY A 9 4.92 3.84 4.23
N GLY A 10 4.36 3.41 3.13
CA GLY A 10 3.46 2.22 3.18
C GLY A 10 4.08 1.08 2.40
N VAL A 11 3.45 -0.05 2.37
CA VAL A 11 4.00 -1.21 1.62
C VAL A 11 3.10 -1.49 0.41
N CYS A 12 3.69 -1.72 -0.74
CA CYS A 12 2.87 -2.00 -1.94
C CYS A 12 2.44 -3.46 -1.91
N ILE A 13 1.31 -3.75 -1.33
CA ILE A 13 0.84 -5.16 -1.27
C ILE A 13 -0.28 -5.37 -2.28
N PRO A 14 -0.11 -6.35 -3.12
CA PRO A 14 -1.10 -6.70 -4.16
C PRO A 14 -2.26 -7.48 -3.55
N ILE A 15 -3.26 -7.76 -4.34
CA ILE A 15 -4.42 -8.53 -3.81
C ILE A 15 -4.93 -7.86 -2.52
N ARG A 16 -5.12 -8.59 -1.46
CA ARG A 16 -5.60 -7.96 -0.21
C ARG A 16 -4.48 -7.94 0.83
N CYS A 17 -4.48 -6.97 1.69
CA CYS A 17 -3.41 -6.90 2.72
C CYS A 17 -3.97 -7.40 4.05
N PRO A 18 -3.08 -7.72 4.95
CA PRO A 18 -3.45 -8.22 6.29
C PRO A 18 -3.88 -7.05 7.18
N VAL A 19 -4.47 -7.34 8.31
CA VAL A 19 -4.91 -6.25 9.21
C VAL A 19 -3.69 -5.47 9.69
N PRO A 20 -3.91 -4.21 10.00
CA PRO A 20 -5.24 -3.57 9.91
C PRO A 20 -5.57 -3.21 8.45
N MET A 21 -4.65 -3.40 7.54
CA MET A 21 -4.93 -3.08 6.12
C MET A 21 -5.26 -1.59 5.99
N ARG A 22 -4.37 -0.73 6.39
CA ARG A 22 -4.63 0.73 6.27
C ARG A 22 -4.14 1.22 4.92
N GLN A 23 -4.99 1.25 3.94
CA GLN A 23 -4.57 1.71 2.59
C GLN A 23 -4.25 3.21 2.63
N ILE A 24 -3.01 3.56 2.46
CA ILE A 24 -2.63 5.00 2.47
C ILE A 24 -2.38 5.48 1.03
N GLY A 25 -2.50 4.60 0.06
CA GLY A 25 -2.26 5.02 -1.35
C GLY A 25 -2.40 3.80 -2.25
N THR A 26 -1.99 3.92 -3.48
CA THR A 26 -2.11 2.76 -4.41
C THR A 26 -0.72 2.41 -4.97
N CYS A 27 -0.59 1.30 -5.61
CA CYS A 27 0.73 0.91 -6.17
C CYS A 27 0.55 0.32 -7.57
N PHE A 28 1.25 0.85 -8.54
CA PHE A 28 1.14 0.33 -9.93
C PHE A 28 -0.32 0.37 -10.39
N GLY A 29 -1.05 1.38 -10.00
CA GLY A 29 -2.47 1.46 -10.43
C GLY A 29 -3.38 0.88 -9.34
N ARG A 30 -4.36 0.10 -9.73
CA ARG A 30 -5.28 -0.48 -8.72
C ARG A 30 -4.96 -1.95 -8.35
N PRO A 31 -3.98 -2.60 -8.96
CA PRO A 31 -3.66 -4.00 -8.61
C PRO A 31 -2.94 -4.06 -7.27
N VAL A 32 -1.95 -3.23 -7.08
CA VAL A 32 -1.23 -3.24 -5.78
C VAL A 32 -1.64 -1.97 -5.01
N LYS A 33 -1.63 -2.02 -3.71
CA LYS A 33 -2.03 -0.82 -2.94
C LYS A 33 -1.04 -0.56 -1.80
N CYS A 34 -1.05 0.63 -1.26
CA CYS A 34 -0.12 0.94 -0.15
C CYS A 34 -0.80 0.62 1.18
N CYS A 35 -0.67 -0.58 1.64
CA CYS A 35 -1.32 -0.95 2.92
C CYS A 35 -0.35 -0.70 4.08
N ARG A 36 -0.82 -0.12 5.15
CA ARG A 36 0.06 0.15 6.31
C ARG A 36 -0.26 -0.84 7.42
N SER A 37 0.72 -1.21 8.19
CA SER A 37 0.47 -2.16 9.31
C SER A 37 0.01 -1.38 10.55
N TRP A 38 0.17 -0.08 10.52
CA TRP A 38 -0.25 0.74 11.69
C TRP A 38 -0.53 2.16 11.20
N ALA A 1 12.67 -6.19 -1.94
CA ALA A 1 11.74 -7.26 -2.37
C ALA A 1 10.35 -6.66 -2.61
N PRO A 2 9.75 -6.15 -1.56
CA PRO A 2 8.42 -5.54 -1.67
C PRO A 2 8.55 -4.14 -2.24
N LEU A 3 7.48 -3.57 -2.72
CA LEU A 3 7.56 -2.19 -3.28
C LEU A 3 7.19 -1.20 -2.18
N SER A 4 8.16 -0.58 -1.57
CA SER A 4 7.87 0.39 -0.49
C SER A 4 7.00 1.53 -1.04
N CYS A 5 5.88 1.77 -0.43
CA CYS A 5 5.00 2.87 -0.91
C CYS A 5 5.44 4.17 -0.25
N GLY A 6 5.98 5.08 -1.02
CA GLY A 6 6.46 6.38 -0.45
C GLY A 6 5.28 7.31 -0.16
N ARG A 7 4.07 6.92 -0.48
CA ARG A 7 2.91 7.82 -0.21
C ARG A 7 2.85 8.14 1.28
N ASN A 8 2.70 7.15 2.12
CA ASN A 8 2.62 7.42 3.57
C ASN A 8 3.54 6.44 4.32
N GLY A 9 4.65 6.10 3.74
CA GLY A 9 5.58 5.15 4.43
C GLY A 9 4.88 3.81 4.63
N GLY A 10 4.45 3.19 3.57
CA GLY A 10 3.76 1.88 3.71
C GLY A 10 4.35 0.88 2.71
N VAL A 11 3.70 -0.23 2.51
CA VAL A 11 4.24 -1.22 1.54
C VAL A 11 3.22 -1.43 0.42
N CYS A 12 3.68 -1.77 -0.75
CA CYS A 12 2.75 -1.98 -1.88
C CYS A 12 2.35 -3.45 -1.92
N ILE A 13 1.22 -3.78 -1.39
CA ILE A 13 0.77 -5.19 -1.39
C ILE A 13 -0.26 -5.39 -2.52
N PRO A 14 0.00 -6.37 -3.34
CA PRO A 14 -0.88 -6.69 -4.47
C PRO A 14 -2.14 -7.43 -3.98
N ILE A 15 -3.16 -7.48 -4.80
CA ILE A 15 -4.42 -8.17 -4.39
C ILE A 15 -5.00 -7.47 -3.16
N ARG A 16 -4.71 -7.93 -1.98
CA ARG A 16 -5.25 -7.27 -0.76
C ARG A 16 -4.25 -7.39 0.38
N CYS A 17 -4.43 -6.62 1.42
CA CYS A 17 -3.49 -6.69 2.56
C CYS A 17 -4.20 -7.33 3.76
N PRO A 18 -3.42 -7.76 4.72
CA PRO A 18 -3.95 -8.39 5.94
C PRO A 18 -4.53 -7.32 6.87
N VAL A 19 -5.37 -7.72 7.79
CA VAL A 19 -5.96 -6.72 8.73
C VAL A 19 -4.85 -6.13 9.61
N PRO A 20 -5.07 -4.92 10.06
CA PRO A 20 -6.30 -4.16 9.76
C PRO A 20 -6.26 -3.58 8.33
N MET A 21 -5.14 -3.69 7.66
CA MET A 21 -5.04 -3.15 6.26
C MET A 21 -5.35 -1.66 6.24
N ARG A 22 -4.38 -0.84 6.49
CA ARG A 22 -4.62 0.63 6.46
C ARG A 22 -4.24 1.14 5.07
N GLN A 23 -5.20 1.28 4.19
CA GLN A 23 -4.90 1.76 2.82
C GLN A 23 -4.34 3.18 2.89
N ILE A 24 -3.24 3.42 2.24
CA ILE A 24 -2.64 4.78 2.25
C ILE A 24 -2.13 5.14 0.86
N GLY A 25 -2.80 4.69 -0.17
CA GLY A 25 -2.35 5.00 -1.55
C GLY A 25 -2.41 3.73 -2.40
N THR A 26 -2.01 3.82 -3.63
CA THR A 26 -2.04 2.62 -4.51
C THR A 26 -0.70 2.49 -5.23
N CYS A 27 -0.43 1.36 -5.80
CA CYS A 27 0.87 1.18 -6.51
C CYS A 27 0.62 0.55 -7.88
N PHE A 28 1.31 1.03 -8.88
CA PHE A 28 1.14 0.49 -10.27
C PHE A 28 -0.32 0.61 -10.70
N GLY A 29 -1.00 1.64 -10.25
CA GLY A 29 -2.43 1.80 -10.65
C GLY A 29 -3.32 1.20 -9.57
N ARG A 30 -4.24 0.36 -9.94
CA ARG A 30 -5.15 -0.25 -8.93
C ARG A 30 -4.83 -1.75 -8.62
N PRO A 31 -3.83 -2.36 -9.23
CA PRO A 31 -3.52 -3.77 -8.95
C PRO A 31 -2.84 -3.89 -7.58
N VAL A 32 -1.91 -3.03 -7.30
CA VAL A 32 -1.23 -3.10 -5.98
C VAL A 32 -1.70 -1.92 -5.14
N LYS A 33 -1.78 -2.08 -3.84
CA LYS A 33 -2.26 -0.96 -3.00
C LYS A 33 -1.26 -0.68 -1.88
N CYS A 34 -1.29 0.50 -1.34
CA CYS A 34 -0.35 0.83 -0.24
C CYS A 34 -1.03 0.52 1.09
N CYS A 35 -0.48 -0.38 1.86
CA CYS A 35 -1.12 -0.72 3.15
C CYS A 35 -0.11 -0.51 4.29
N ARG A 36 -0.55 0.05 5.38
CA ARG A 36 0.36 0.29 6.52
C ARG A 36 -0.40 0.02 7.82
N SER A 37 0.19 0.33 8.94
CA SER A 37 -0.49 0.09 10.24
C SER A 37 -0.96 -1.37 10.30
N TRP A 38 -0.06 -2.28 10.08
CA TRP A 38 -0.45 -3.72 10.12
C TRP A 38 -0.11 -4.29 11.49
N ALA A 1 7.38 1.73 -9.77
CA ALA A 1 6.95 3.16 -9.85
C ALA A 1 6.89 3.77 -8.45
N PRO A 2 6.05 3.23 -7.61
CA PRO A 2 5.90 3.74 -6.24
C PRO A 2 7.06 3.27 -5.37
N LEU A 3 7.79 4.18 -4.79
CA LEU A 3 8.94 3.76 -3.94
C LEU A 3 8.43 3.30 -2.57
N SER A 4 8.03 2.07 -2.47
CA SER A 4 7.53 1.53 -1.18
C SER A 4 6.47 2.47 -0.59
N CYS A 5 5.61 3.01 -1.41
CA CYS A 5 4.56 3.93 -0.89
C CYS A 5 5.21 5.04 -0.06
N GLY A 6 6.22 5.66 -0.57
CA GLY A 6 6.90 6.75 0.19
C GLY A 6 5.89 7.83 0.57
N ARG A 7 4.83 7.98 -0.18
CA ARG A 7 3.81 9.02 0.14
C ARG A 7 3.35 8.88 1.59
N ASN A 8 3.28 7.68 2.11
CA ASN A 8 2.84 7.51 3.53
C ASN A 8 3.72 6.49 4.23
N GLY A 9 4.86 6.16 3.67
CA GLY A 9 5.76 5.17 4.33
C GLY A 9 5.00 3.86 4.56
N GLY A 10 4.54 3.23 3.51
CA GLY A 10 3.80 1.95 3.69
C GLY A 10 4.42 0.88 2.79
N VAL A 11 3.64 -0.07 2.35
CA VAL A 11 4.20 -1.14 1.48
C VAL A 11 3.23 -1.40 0.33
N CYS A 12 3.75 -1.69 -0.84
CA CYS A 12 2.88 -1.95 -2.01
C CYS A 12 2.42 -3.40 -1.97
N ILE A 13 1.33 -3.67 -1.29
CA ILE A 13 0.83 -5.08 -1.21
C ILE A 13 -0.30 -5.26 -2.22
N PRO A 14 -0.13 -6.21 -3.09
CA PRO A 14 -1.13 -6.54 -4.13
C PRO A 14 -2.26 -7.37 -3.53
N ILE A 15 -3.29 -7.59 -4.30
CA ILE A 15 -4.44 -8.41 -3.81
C ILE A 15 -5.03 -7.75 -2.55
N ARG A 16 -4.60 -8.14 -1.38
CA ARG A 16 -5.13 -7.52 -0.15
C ARG A 16 -4.00 -7.38 0.88
N CYS A 17 -4.28 -6.87 2.04
CA CYS A 17 -3.21 -6.72 3.06
C CYS A 17 -3.73 -7.28 4.39
N PRO A 18 -2.80 -7.55 5.28
CA PRO A 18 -3.12 -8.08 6.61
C PRO A 18 -3.63 -6.96 7.51
N VAL A 19 -4.26 -7.29 8.60
CA VAL A 19 -4.79 -6.25 9.51
C VAL A 19 -3.63 -5.38 10.01
N PRO A 20 -3.93 -4.15 10.31
CA PRO A 20 -5.29 -3.58 10.17
C PRO A 20 -5.61 -3.24 8.71
N MET A 21 -4.67 -3.43 7.80
CA MET A 21 -4.92 -3.12 6.37
C MET A 21 -5.25 -1.62 6.23
N ARG A 22 -4.31 -0.77 6.51
CA ARG A 22 -4.56 0.68 6.40
C ARG A 22 -4.21 1.15 4.98
N GLN A 23 -5.20 1.41 4.17
CA GLN A 23 -4.90 1.87 2.78
C GLN A 23 -4.41 3.31 2.84
N ILE A 24 -3.25 3.56 2.31
CA ILE A 24 -2.68 4.95 2.32
C ILE A 24 -2.37 5.40 0.90
N GLY A 25 -2.59 4.57 -0.09
CA GLY A 25 -2.29 4.97 -1.49
C GLY A 25 -2.40 3.74 -2.39
N THR A 26 -1.99 3.87 -3.63
CA THR A 26 -2.08 2.71 -4.55
C THR A 26 -0.70 2.42 -5.14
N CYS A 27 -0.52 1.27 -5.73
CA CYS A 27 0.81 0.95 -6.31
C CYS A 27 0.61 0.33 -7.69
N PHE A 28 1.35 0.79 -8.66
CA PHE A 28 1.23 0.23 -10.05
C PHE A 28 -0.21 0.36 -10.54
N GLY A 29 -0.90 1.40 -10.15
CA GLY A 29 -2.30 1.55 -10.61
C GLY A 29 -3.25 1.00 -9.54
N ARG A 30 -4.23 0.23 -9.95
CA ARG A 30 -5.20 -0.33 -8.97
C ARG A 30 -4.91 -1.80 -8.57
N PRO A 31 -3.94 -2.47 -9.16
CA PRO A 31 -3.65 -3.88 -8.80
C PRO A 31 -2.95 -3.93 -7.45
N VAL A 32 -1.93 -3.15 -7.26
CA VAL A 32 -1.23 -3.16 -5.95
C VAL A 32 -1.70 -1.95 -5.15
N LYS A 33 -1.74 -2.04 -3.85
CA LYS A 33 -2.20 -0.89 -3.05
C LYS A 33 -1.17 -0.58 -1.97
N CYS A 34 -1.33 0.51 -1.30
CA CYS A 34 -0.37 0.87 -0.21
C CYS A 34 -1.02 0.52 1.13
N CYS A 35 -0.59 -0.54 1.74
CA CYS A 35 -1.18 -0.92 3.05
C CYS A 35 -0.20 -0.60 4.16
N ARG A 36 -0.69 -0.23 5.31
CA ARG A 36 0.22 0.10 6.44
C ARG A 36 -0.36 -0.48 7.73
N SER A 37 0.44 -0.62 8.74
CA SER A 37 -0.06 -1.18 10.02
C SER A 37 -0.54 -0.03 10.92
N TRP A 38 -0.01 1.15 10.71
CA TRP A 38 -0.44 2.30 11.54
C TRP A 38 -1.00 3.38 10.62
N ALA A 1 6.70 7.95 4.46
CA ALA A 1 7.88 7.31 5.10
C ALA A 1 8.93 6.97 4.05
N PRO A 2 10.13 6.72 4.49
CA PRO A 2 11.26 6.39 3.59
C PRO A 2 11.15 4.95 3.09
N LEU A 3 11.39 4.75 1.81
CA LEU A 3 11.30 3.38 1.24
C LEU A 3 9.88 2.84 1.42
N SER A 4 8.89 3.67 1.24
CA SER A 4 7.49 3.21 1.41
C SER A 4 6.58 3.98 0.46
N CYS A 5 5.31 3.65 0.42
CA CYS A 5 4.38 4.38 -0.49
C CYS A 5 3.42 5.22 0.34
N GLY A 6 3.13 6.41 -0.10
CA GLY A 6 2.19 7.27 0.65
C GLY A 6 2.95 8.04 1.73
N ARG A 7 2.48 9.21 2.07
CA ARG A 7 3.18 10.01 3.12
C ARG A 7 3.18 9.23 4.44
N ASN A 8 2.21 8.38 4.64
CA ASN A 8 2.15 7.58 5.89
C ASN A 8 3.30 6.57 5.90
N GLY A 9 3.42 5.80 4.87
CA GLY A 9 4.52 4.79 4.83
C GLY A 9 3.92 3.40 4.72
N GLY A 10 3.16 3.14 3.69
CA GLY A 10 2.55 1.80 3.53
C GLY A 10 3.38 0.97 2.56
N VAL A 11 3.18 -0.31 2.53
CA VAL A 11 3.96 -1.17 1.59
C VAL A 11 3.10 -1.46 0.37
N CYS A 12 3.72 -1.71 -0.75
CA CYS A 12 2.92 -2.01 -1.98
C CYS A 12 2.43 -3.45 -1.92
N ILE A 13 1.29 -3.67 -1.31
CA ILE A 13 0.75 -5.05 -1.22
C ILE A 13 -0.51 -5.16 -2.09
N PRO A 14 -0.43 -5.98 -3.09
CA PRO A 14 -1.54 -6.21 -4.03
C PRO A 14 -2.57 -7.16 -3.41
N ILE A 15 -3.69 -7.33 -4.06
CA ILE A 15 -4.75 -8.23 -3.54
C ILE A 15 -5.22 -7.74 -2.17
N ARG A 16 -4.65 -8.23 -1.09
CA ARG A 16 -5.08 -7.75 0.25
C ARG A 16 -3.85 -7.43 1.09
N CYS A 17 -4.03 -6.95 2.28
CA CYS A 17 -2.87 -6.62 3.14
C CYS A 17 -3.13 -7.13 4.56
N PRO A 18 -2.08 -7.24 5.32
CA PRO A 18 -2.16 -7.71 6.72
C PRO A 18 -2.65 -6.57 7.61
N VAL A 19 -3.05 -6.89 8.82
CA VAL A 19 -3.54 -5.82 9.74
C VAL A 19 -2.41 -4.85 10.06
N PRO A 20 -2.77 -3.63 10.37
CA PRO A 20 -4.18 -3.19 10.43
C PRO A 20 -4.72 -2.89 9.01
N MET A 21 -3.95 -3.13 7.99
CA MET A 21 -4.43 -2.87 6.60
C MET A 21 -4.76 -1.39 6.44
N ARG A 22 -3.80 -0.53 6.70
CA ARG A 22 -4.08 0.93 6.55
C ARG A 22 -3.73 1.33 5.12
N GLN A 23 -4.67 1.26 4.23
CA GLN A 23 -4.40 1.63 2.82
C GLN A 23 -4.26 3.14 2.70
N ILE A 24 -3.12 3.61 2.24
CA ILE A 24 -2.92 5.08 2.10
C ILE A 24 -2.44 5.39 0.69
N GLY A 25 -2.91 4.66 -0.30
CA GLY A 25 -2.47 4.94 -1.70
C GLY A 25 -2.41 3.62 -2.47
N THR A 26 -1.89 3.65 -3.67
CA THR A 26 -1.82 2.40 -4.47
C THR A 26 -0.49 2.37 -5.23
N CYS A 27 -0.08 1.22 -5.71
CA CYS A 27 1.21 1.14 -6.45
C CYS A 27 0.94 0.61 -7.86
N PHE A 28 1.71 1.08 -8.82
CA PHE A 28 1.55 0.62 -10.23
C PHE A 28 0.11 0.85 -10.68
N GLY A 29 -0.47 1.96 -10.33
CA GLY A 29 -1.88 2.22 -10.72
C GLY A 29 -2.80 1.78 -9.59
N ARG A 30 -3.86 1.08 -9.89
CA ARG A 30 -4.78 0.64 -8.81
C ARG A 30 -4.71 -0.90 -8.55
N PRO A 31 -3.77 -1.64 -9.12
CA PRO A 31 -3.70 -3.09 -8.87
C PRO A 31 -3.07 -3.35 -7.50
N VAL A 32 -1.98 -2.70 -7.20
CA VAL A 32 -1.34 -2.91 -5.87
C VAL A 32 -1.76 -1.77 -4.95
N LYS A 33 -1.87 -2.03 -3.68
CA LYS A 33 -2.31 -0.95 -2.74
C LYS A 33 -1.21 -0.67 -1.72
N CYS A 34 -1.16 0.52 -1.20
CA CYS A 34 -0.13 0.86 -0.18
C CYS A 34 -0.72 0.64 1.20
N CYS A 35 -0.68 -0.56 1.70
CA CYS A 35 -1.27 -0.82 3.04
C CYS A 35 -0.19 -0.70 4.12
N ARG A 36 -0.51 -0.05 5.20
CA ARG A 36 0.47 0.10 6.30
C ARG A 36 0.28 -1.06 7.28
N SER A 37 1.36 -1.65 7.74
CA SER A 37 1.22 -2.79 8.69
C SER A 37 1.31 -2.26 10.13
N TRP A 38 1.02 -1.00 10.32
CA TRP A 38 1.07 -0.42 11.70
C TRP A 38 0.25 0.86 11.70
N ALA A 1 9.41 -7.31 -0.95
CA ALA A 1 8.23 -6.66 -1.60
C ALA A 1 8.66 -5.32 -2.18
N PRO A 2 7.94 -4.87 -3.16
CA PRO A 2 8.21 -3.59 -3.84
C PRO A 2 7.72 -2.42 -2.98
N LEU A 3 8.61 -1.70 -2.36
CA LEU A 3 8.18 -0.55 -1.53
C LEU A 3 8.03 0.69 -2.40
N SER A 4 7.07 0.69 -3.27
CA SER A 4 6.86 1.88 -4.15
C SER A 4 5.88 2.84 -3.48
N CYS A 5 6.03 3.07 -2.20
CA CYS A 5 5.09 3.99 -1.50
C CYS A 5 5.83 4.67 -0.35
N GLY A 6 7.03 5.14 -0.59
CA GLY A 6 7.79 5.81 0.49
C GLY A 6 7.11 7.13 0.86
N ARG A 7 6.30 7.67 -0.02
CA ARG A 7 5.60 8.95 0.30
C ARG A 7 4.81 8.80 1.60
N ASN A 8 4.13 7.70 1.78
CA ASN A 8 3.34 7.50 3.02
C ASN A 8 4.02 6.44 3.91
N GLY A 9 5.17 5.96 3.52
CA GLY A 9 5.86 4.94 4.34
C GLY A 9 5.00 3.68 4.42
N GLY A 10 4.40 3.29 3.33
CA GLY A 10 3.55 2.07 3.36
C GLY A 10 4.12 1.03 2.38
N VAL A 11 3.71 -0.20 2.52
CA VAL A 11 4.22 -1.25 1.60
C VAL A 11 3.22 -1.45 0.45
N CYS A 12 3.68 -1.90 -0.67
CA CYS A 12 2.76 -2.11 -1.82
C CYS A 12 2.31 -3.57 -1.85
N ILE A 13 1.14 -3.84 -1.33
CA ILE A 13 0.64 -5.24 -1.33
C ILE A 13 -0.46 -5.38 -2.39
N PRO A 14 -0.30 -6.35 -3.25
CA PRO A 14 -1.26 -6.61 -4.33
C PRO A 14 -2.48 -7.37 -3.80
N ILE A 15 -3.54 -7.41 -4.58
CA ILE A 15 -4.77 -8.13 -4.14
C ILE A 15 -5.34 -7.48 -2.87
N ARG A 16 -4.98 -7.94 -1.71
CA ARG A 16 -5.51 -7.32 -0.47
C ARG A 16 -4.44 -7.43 0.63
N CYS A 17 -4.53 -6.62 1.64
CA CYS A 17 -3.53 -6.68 2.73
C CYS A 17 -4.18 -7.23 4.00
N PRO A 18 -3.35 -7.73 4.87
CA PRO A 18 -3.81 -8.30 6.16
C PRO A 18 -4.11 -7.18 7.15
N VAL A 19 -4.68 -7.52 8.28
CA VAL A 19 -5.01 -6.49 9.31
C VAL A 19 -3.72 -5.76 9.71
N PRO A 20 -3.85 -4.49 10.00
CA PRO A 20 -5.14 -3.77 9.95
C PRO A 20 -5.49 -3.36 8.51
N MET A 21 -4.58 -3.51 7.58
CA MET A 21 -4.87 -3.12 6.17
C MET A 21 -5.15 -1.62 6.10
N ARG A 22 -4.17 -0.81 6.42
CA ARG A 22 -4.40 0.66 6.36
C ARG A 22 -4.02 1.15 4.96
N GLN A 23 -4.99 1.23 4.08
CA GLN A 23 -4.69 1.69 2.70
C GLN A 23 -4.41 3.19 2.71
N ILE A 24 -3.25 3.58 2.25
CA ILE A 24 -2.92 5.03 2.22
C ILE A 24 -2.49 5.41 0.79
N GLY A 25 -2.94 4.69 -0.19
CA GLY A 25 -2.55 5.00 -1.59
C GLY A 25 -2.47 3.70 -2.39
N THR A 26 -1.99 3.74 -3.59
CA THR A 26 -1.89 2.48 -4.38
C THR A 26 -0.55 2.44 -5.12
N CYS A 27 -0.22 1.31 -5.68
CA CYS A 27 1.07 1.20 -6.42
C CYS A 27 0.82 0.61 -7.81
N PHE A 28 1.53 1.09 -8.79
CA PHE A 28 1.36 0.58 -10.18
C PHE A 28 -0.09 0.75 -10.64
N GLY A 29 -0.73 1.80 -10.22
CA GLY A 29 -2.14 2.01 -10.63
C GLY A 29 -3.07 1.48 -9.55
N ARG A 30 -4.04 0.69 -9.92
CA ARG A 30 -4.98 0.14 -8.90
C ARG A 30 -4.77 -1.37 -8.61
N PRO A 31 -3.76 -2.02 -9.18
CA PRO A 31 -3.55 -3.45 -8.91
C PRO A 31 -2.92 -3.63 -7.52
N VAL A 32 -1.89 -2.88 -7.21
CA VAL A 32 -1.27 -3.00 -5.87
C VAL A 32 -1.74 -1.84 -5.01
N LYS A 33 -1.80 -2.03 -3.71
CA LYS A 33 -2.26 -0.92 -2.84
C LYS A 33 -1.22 -0.61 -1.77
N CYS A 34 -1.25 0.58 -1.23
CA CYS A 34 -0.27 0.95 -0.17
C CYS A 34 -0.89 0.67 1.19
N CYS A 35 -0.61 -0.46 1.77
CA CYS A 35 -1.20 -0.76 3.10
C CYS A 35 -0.16 -0.54 4.19
N ARG A 36 -0.60 -0.15 5.36
CA ARG A 36 0.35 0.08 6.48
C ARG A 36 -0.23 -0.52 7.75
N SER A 37 0.57 -0.65 8.78
CA SER A 37 0.06 -1.22 10.05
C SER A 37 -0.42 -0.07 10.94
N TRP A 38 0.12 1.10 10.75
CA TRP A 38 -0.31 2.26 11.58
C TRP A 38 -0.86 3.35 10.65
N ALA A 1 16.57 1.19 -5.26
CA ALA A 1 15.14 0.96 -5.57
C ALA A 1 14.28 1.96 -4.78
N PRO A 2 13.17 2.31 -5.35
CA PRO A 2 12.23 3.26 -4.75
C PRO A 2 11.42 2.57 -3.65
N LEU A 3 11.16 3.26 -2.58
CA LEU A 3 10.37 2.66 -1.48
C LEU A 3 8.89 2.69 -1.83
N SER A 4 8.31 1.54 -2.03
CA SER A 4 6.86 1.48 -2.37
C SER A 4 6.06 2.18 -1.27
N CYS A 5 5.50 3.32 -1.58
CA CYS A 5 4.70 4.07 -0.56
C CYS A 5 5.65 4.58 0.53
N GLY A 6 6.85 4.95 0.18
CA GLY A 6 7.81 5.43 1.20
C GLY A 6 7.30 6.74 1.81
N ARG A 7 6.79 7.63 1.00
CA ARG A 7 6.28 8.91 1.54
C ARG A 7 5.07 8.63 2.44
N ASN A 8 4.32 7.61 2.12
CA ASN A 8 3.14 7.28 2.96
C ASN A 8 3.59 6.48 4.17
N GLY A 9 4.70 5.80 4.07
CA GLY A 9 5.20 5.00 5.22
C GLY A 9 4.52 3.63 5.22
N GLY A 10 4.29 3.07 4.07
CA GLY A 10 3.64 1.73 4.02
C GLY A 10 4.32 0.88 2.95
N VAL A 11 3.67 -0.16 2.49
CA VAL A 11 4.30 -1.02 1.45
C VAL A 11 3.27 -1.28 0.34
N CYS A 12 3.73 -1.62 -0.83
CA CYS A 12 2.79 -1.89 -1.94
C CYS A 12 2.37 -3.36 -1.89
N ILE A 13 1.30 -3.65 -1.23
CA ILE A 13 0.83 -5.07 -1.15
C ILE A 13 -0.32 -5.28 -2.13
N PRO A 14 -0.15 -6.23 -3.00
CA PRO A 14 -1.16 -6.58 -4.02
C PRO A 14 -2.28 -7.40 -3.40
N ILE A 15 -3.32 -7.65 -4.14
CA ILE A 15 -4.46 -8.44 -3.60
C ILE A 15 -4.95 -7.80 -2.30
N ARG A 16 -4.86 -8.48 -1.19
CA ARG A 16 -5.33 -7.85 0.08
C ARG A 16 -4.14 -7.71 1.03
N CYS A 17 -4.27 -6.88 2.03
CA CYS A 17 -3.15 -6.68 2.99
C CYS A 17 -3.55 -7.25 4.35
N PRO A 18 -2.58 -7.43 5.20
CA PRO A 18 -2.80 -7.96 6.55
C PRO A 18 -3.34 -6.86 7.46
N VAL A 19 -3.88 -7.23 8.59
CA VAL A 19 -4.45 -6.21 9.53
C VAL A 19 -3.33 -5.25 9.95
N PRO A 20 -3.70 -4.01 10.19
CA PRO A 20 -5.10 -3.55 10.08
C PRO A 20 -5.46 -3.26 8.60
N MET A 21 -4.52 -3.39 7.70
CA MET A 21 -4.82 -3.12 6.26
C MET A 21 -5.20 -1.65 6.08
N ARG A 22 -4.34 -0.75 6.43
CA ARG A 22 -4.65 0.69 6.25
C ARG A 22 -4.18 1.14 4.88
N GLN A 23 -5.09 1.31 3.95
CA GLN A 23 -4.68 1.74 2.59
C GLN A 23 -4.30 3.22 2.61
N ILE A 24 -3.11 3.54 2.22
CA ILE A 24 -2.67 4.96 2.22
C ILE A 24 -2.24 5.37 0.80
N GLY A 25 -2.72 4.67 -0.20
CA GLY A 25 -2.33 5.02 -1.60
C GLY A 25 -2.44 3.78 -2.46
N THR A 26 -2.07 3.86 -3.71
CA THR A 26 -2.17 2.67 -4.58
C THR A 26 -0.84 2.43 -5.29
N CYS A 27 -0.65 1.27 -5.85
CA CYS A 27 0.63 0.97 -6.55
C CYS A 27 0.36 0.30 -7.89
N PHE A 28 1.06 0.71 -8.91
CA PHE A 28 0.87 0.10 -10.26
C PHE A 28 -0.60 0.14 -10.66
N GLY A 29 -1.28 1.20 -10.32
CA GLY A 29 -2.72 1.30 -10.70
C GLY A 29 -3.58 0.82 -9.53
N ARG A 30 -4.54 -0.02 -9.79
CA ARG A 30 -5.42 -0.50 -8.69
C ARG A 30 -5.13 -1.96 -8.24
N PRO A 31 -4.18 -2.66 -8.86
CA PRO A 31 -3.90 -4.05 -8.45
C PRO A 31 -3.12 -4.06 -7.14
N VAL A 32 -2.12 -3.23 -7.02
CA VAL A 32 -1.34 -3.20 -5.75
C VAL A 32 -1.73 -1.93 -4.98
N LYS A 33 -1.69 -1.96 -3.68
CA LYS A 33 -2.08 -0.75 -2.91
C LYS A 33 -1.06 -0.47 -1.80
N CYS A 34 -1.11 0.70 -1.24
CA CYS A 34 -0.17 1.05 -0.14
C CYS A 34 -0.80 0.66 1.18
N CYS A 35 -0.53 -0.52 1.67
CA CYS A 35 -1.13 -0.94 2.96
C CYS A 35 -0.16 -0.65 4.11
N ARG A 36 -0.66 -0.24 5.24
CA ARG A 36 0.23 0.05 6.39
C ARG A 36 -0.16 -0.83 7.57
N SER A 37 0.76 -1.14 8.43
CA SER A 37 0.43 -1.99 9.60
C SER A 37 0.00 -1.11 10.78
N TRP A 38 0.06 0.19 10.65
CA TRP A 38 -0.34 1.07 11.76
C TRP A 38 -0.98 2.33 11.18
N ALA A 1 -0.77 7.38 -11.87
CA ALA A 1 -1.61 6.18 -11.59
C ALA A 1 -1.39 5.71 -10.15
N PRO A 2 -0.18 5.35 -9.83
CA PRO A 2 0.15 4.90 -8.47
C PRO A 2 0.31 6.09 -7.53
N LEU A 3 0.44 5.84 -6.26
CA LEU A 3 0.59 6.97 -5.29
C LEU A 3 1.91 6.78 -4.53
N SER A 4 2.33 7.78 -3.82
CA SER A 4 3.60 7.66 -3.05
C SER A 4 3.42 6.71 -1.87
N CYS A 5 3.92 5.51 -1.98
CA CYS A 5 3.78 4.53 -0.88
C CYS A 5 4.60 4.99 0.33
N GLY A 6 5.77 5.52 0.09
CA GLY A 6 6.63 5.99 1.22
C GLY A 6 6.03 7.24 1.86
N ARG A 7 5.06 7.85 1.24
CA ARG A 7 4.45 9.08 1.82
C ARG A 7 3.98 8.80 3.25
N ASN A 8 3.25 7.73 3.45
CA ASN A 8 2.78 7.41 4.82
C ASN A 8 3.42 6.12 5.31
N GLY A 9 4.59 5.81 4.82
CA GLY A 9 5.27 4.56 5.27
C GLY A 9 4.38 3.35 4.94
N GLY A 10 3.82 3.33 3.76
CA GLY A 10 2.94 2.18 3.39
C GLY A 10 3.72 1.24 2.49
N VAL A 11 3.29 0.01 2.39
CA VAL A 11 4.00 -0.97 1.53
C VAL A 11 3.10 -1.31 0.33
N CYS A 12 3.68 -1.54 -0.82
CA CYS A 12 2.86 -1.89 -2.00
C CYS A 12 2.44 -3.35 -1.91
N ILE A 13 1.33 -3.62 -1.28
CA ILE A 13 0.87 -5.03 -1.15
C ILE A 13 -0.23 -5.29 -2.18
N PRO A 14 0.00 -6.26 -3.02
CA PRO A 14 -0.95 -6.65 -4.06
C PRO A 14 -2.07 -7.51 -3.45
N ILE A 15 -3.07 -7.83 -4.22
CA ILE A 15 -4.18 -8.67 -3.69
C ILE A 15 -4.76 -8.02 -2.42
N ARG A 16 -4.75 -8.71 -1.30
CA ARG A 16 -5.30 -8.11 -0.05
C ARG A 16 -4.15 -7.73 0.90
N CYS A 17 -4.41 -6.89 1.85
CA CYS A 17 -3.35 -6.49 2.81
C CYS A 17 -3.74 -6.97 4.20
N PRO A 18 -2.75 -7.21 5.01
CA PRO A 18 -2.96 -7.70 6.39
C PRO A 18 -3.46 -6.56 7.29
N VAL A 19 -3.97 -6.91 8.44
CA VAL A 19 -4.49 -5.87 9.37
C VAL A 19 -3.36 -4.94 9.80
N PRO A 20 -3.73 -3.74 10.19
CA PRO A 20 -5.13 -3.28 10.19
C PRO A 20 -5.59 -2.86 8.79
N MET A 21 -4.84 -3.19 7.77
CA MET A 21 -5.25 -2.81 6.38
C MET A 21 -5.35 -1.29 6.30
N ARG A 22 -4.30 -0.60 6.60
CA ARG A 22 -4.33 0.89 6.54
C ARG A 22 -3.90 1.32 5.14
N GLN A 23 -4.83 1.44 4.23
CA GLN A 23 -4.48 1.84 2.85
C GLN A 23 -4.15 3.34 2.81
N ILE A 24 -2.99 3.69 2.33
CA ILE A 24 -2.62 5.13 2.24
C ILE A 24 -2.17 5.45 0.81
N GLY A 25 -2.68 4.74 -0.15
CA GLY A 25 -2.26 5.02 -1.56
C GLY A 25 -2.36 3.73 -2.37
N THR A 26 -1.85 3.73 -3.57
CA THR A 26 -1.92 2.51 -4.40
C THR A 26 -0.61 2.34 -5.18
N CYS A 27 -0.37 1.18 -5.73
CA CYS A 27 0.89 0.96 -6.49
C CYS A 27 0.56 0.29 -7.83
N PHE A 28 1.26 0.68 -8.86
CA PHE A 28 1.03 0.07 -10.21
C PHE A 28 -0.45 0.20 -10.60
N GLY A 29 -1.09 1.27 -10.20
CA GLY A 29 -2.52 1.44 -10.56
C GLY A 29 -3.40 0.93 -9.42
N ARG A 30 -4.37 0.12 -9.71
CA ARG A 30 -5.28 -0.39 -8.65
C ARG A 30 -4.98 -1.87 -8.25
N PRO A 31 -4.03 -2.56 -8.86
CA PRO A 31 -3.76 -3.96 -8.49
C PRO A 31 -3.01 -4.01 -7.16
N VAL A 32 -1.99 -3.21 -7.01
CA VAL A 32 -1.24 -3.20 -5.73
C VAL A 32 -1.68 -1.98 -4.93
N LYS A 33 -1.71 -2.08 -3.64
CA LYS A 33 -2.16 -0.91 -2.83
C LYS A 33 -1.12 -0.59 -1.76
N CYS A 34 -1.13 0.61 -1.26
CA CYS A 34 -0.16 1.00 -0.20
C CYS A 34 -0.80 0.69 1.14
N CYS A 35 -0.78 -0.55 1.55
CA CYS A 35 -1.41 -0.92 2.84
C CYS A 35 -0.36 -0.89 3.95
N ARG A 36 -0.74 -0.50 5.13
CA ARG A 36 0.23 -0.46 6.25
C ARG A 36 -0.19 -1.48 7.30
N SER A 37 0.75 -2.00 8.06
CA SER A 37 0.40 -2.99 9.10
C SER A 37 0.28 -2.27 10.45
N TRP A 38 0.17 -0.96 10.44
CA TRP A 38 0.05 -0.21 11.71
C TRP A 38 -0.52 1.17 11.40
N ALA A 1 8.62 8.41 -6.03
CA ALA A 1 8.70 6.99 -6.46
C ALA A 1 7.75 6.76 -7.63
N PRO A 2 8.07 5.80 -8.46
CA PRO A 2 7.25 5.45 -9.62
C PRO A 2 6.02 4.65 -9.17
N LEU A 3 4.99 5.32 -8.73
CA LEU A 3 3.77 4.61 -8.26
C LEU A 3 4.15 3.64 -7.14
N SER A 4 5.03 4.05 -6.26
CA SER A 4 5.45 3.17 -5.15
C SER A 4 5.37 3.94 -3.84
N CYS A 5 5.17 3.26 -2.74
CA CYS A 5 5.07 3.97 -1.44
C CYS A 5 6.41 3.93 -0.70
N GLY A 6 7.50 4.10 -1.40
CA GLY A 6 8.82 4.09 -0.71
C GLY A 6 8.96 5.38 0.09
N ARG A 7 8.66 6.49 -0.51
CA ARG A 7 8.77 7.79 0.21
C ARG A 7 7.56 7.94 1.13
N ASN A 8 6.41 7.49 0.68
CA ASN A 8 5.19 7.61 1.53
C ASN A 8 5.36 6.74 2.78
N GLY A 9 6.16 5.72 2.71
CA GLY A 9 6.35 4.84 3.89
C GLY A 9 5.19 3.86 3.96
N GLY A 10 4.97 3.11 2.92
CA GLY A 10 3.85 2.13 2.93
C GLY A 10 4.26 0.91 2.10
N VAL A 11 3.69 -0.23 2.39
CA VAL A 11 4.06 -1.44 1.61
C VAL A 11 3.11 -1.58 0.42
N CYS A 12 3.62 -2.01 -0.70
CA CYS A 12 2.76 -2.18 -1.90
C CYS A 12 2.15 -3.58 -1.89
N ILE A 13 1.07 -3.77 -1.19
CA ILE A 13 0.44 -5.11 -1.16
C ILE A 13 -0.68 -5.16 -2.20
N PRO A 14 -0.75 -6.24 -2.92
CA PRO A 14 -1.76 -6.44 -3.97
C PRO A 14 -3.10 -6.79 -3.33
N ILE A 15 -4.14 -6.85 -4.12
CA ILE A 15 -5.49 -7.19 -3.58
C ILE A 15 -5.90 -6.13 -2.54
N ARG A 16 -5.75 -6.39 -1.27
CA ARG A 16 -6.14 -5.38 -0.25
C ARG A 16 -5.23 -5.52 0.97
N CYS A 17 -5.29 -4.60 1.89
CA CYS A 17 -4.43 -4.70 3.09
C CYS A 17 -5.22 -5.34 4.23
N PRO A 18 -4.60 -6.27 4.90
CA PRO A 18 -5.20 -6.99 6.03
C PRO A 18 -5.15 -6.11 7.28
N VAL A 19 -6.20 -6.08 8.05
CA VAL A 19 -6.21 -5.25 9.28
C VAL A 19 -5.14 -5.76 10.24
N PRO A 20 -4.67 -4.89 11.10
CA PRO A 20 -5.14 -3.49 11.17
C PRO A 20 -4.47 -2.63 10.08
N MET A 21 -3.66 -3.21 9.23
CA MET A 21 -3.01 -2.41 8.17
C MET A 21 -4.06 -1.92 7.18
N ARG A 22 -4.28 -0.64 7.12
CA ARG A 22 -5.31 -0.11 6.18
C ARG A 22 -4.63 0.37 4.90
N GLN A 23 -5.39 0.81 3.94
CA GLN A 23 -4.79 1.29 2.66
C GLN A 23 -4.36 2.75 2.84
N ILE A 24 -3.25 3.12 2.25
CA ILE A 24 -2.77 4.52 2.38
C ILE A 24 -2.23 4.99 1.02
N GLY A 25 -2.82 4.55 -0.06
CA GLY A 25 -2.33 4.98 -1.40
C GLY A 25 -2.41 3.79 -2.36
N THR A 26 -1.81 3.91 -3.51
CA THR A 26 -1.87 2.79 -4.49
C THR A 26 -0.46 2.49 -5.00
N CYS A 27 -0.26 1.35 -5.61
CA CYS A 27 1.08 1.00 -6.12
C CYS A 27 0.98 0.48 -7.55
N PHE A 28 1.90 0.85 -8.40
CA PHE A 28 1.88 0.38 -9.81
C PHE A 28 0.51 0.63 -10.43
N GLY A 29 -0.07 1.77 -10.16
CA GLY A 29 -1.41 2.07 -10.73
C GLY A 29 -2.49 1.65 -9.73
N ARG A 30 -3.51 0.99 -10.17
CA ARG A 30 -4.59 0.57 -9.25
C ARG A 30 -4.57 -0.95 -8.90
N PRO A 31 -3.64 -1.74 -9.43
CA PRO A 31 -3.60 -3.18 -9.12
C PRO A 31 -3.06 -3.40 -7.71
N VAL A 32 -1.97 -2.77 -7.37
CA VAL A 32 -1.41 -2.94 -6.01
C VAL A 32 -1.80 -1.73 -5.18
N LYS A 33 -1.84 -1.87 -3.88
CA LYS A 33 -2.22 -0.71 -3.03
C LYS A 33 -1.19 -0.48 -1.94
N CYS A 34 -1.21 0.66 -1.33
CA CYS A 34 -0.23 0.95 -0.24
C CYS A 34 -0.86 0.52 1.08
N CYS A 35 -0.15 -0.21 1.88
CA CYS A 35 -0.72 -0.65 3.18
C CYS A 35 0.14 -0.14 4.34
N ARG A 36 -0.48 0.41 5.34
CA ARG A 36 0.30 0.93 6.50
C ARG A 36 -0.55 0.77 7.76
N SER A 37 0.06 0.53 8.88
CA SER A 37 -0.72 0.37 10.14
C SER A 37 -0.86 1.73 10.81
N TRP A 38 0.02 2.65 10.53
CA TRP A 38 -0.07 4.00 11.17
C TRP A 38 -0.06 5.06 10.08
N ALA A 1 10.51 -0.35 -8.94
CA ALA A 1 10.31 1.11 -8.78
C ALA A 1 11.12 1.61 -7.58
N PRO A 2 11.47 2.87 -7.64
CA PRO A 2 12.26 3.51 -6.57
C PRO A 2 11.37 3.85 -5.37
N LEU A 3 11.57 3.17 -4.27
CA LEU A 3 10.76 3.43 -3.05
C LEU A 3 9.28 3.34 -3.38
N SER A 4 8.78 2.16 -3.63
CA SER A 4 7.34 2.02 -3.93
C SER A 4 6.54 2.42 -2.69
N CYS A 5 5.97 3.59 -2.70
CA CYS A 5 5.20 4.07 -1.52
C CYS A 5 6.13 4.22 -0.31
N GLY A 6 7.41 4.40 -0.54
CA GLY A 6 8.35 4.56 0.60
C GLY A 6 8.10 5.90 1.27
N ARG A 7 7.95 6.94 0.48
CA ARG A 7 7.68 8.28 1.07
C ARG A 7 6.32 8.26 1.76
N ASN A 8 5.40 7.50 1.23
CA ASN A 8 4.05 7.44 1.86
C ASN A 8 4.15 6.66 3.18
N GLY A 9 5.09 5.78 3.30
CA GLY A 9 5.24 5.00 4.55
C GLY A 9 4.28 3.81 4.52
N GLY A 10 4.27 3.08 3.45
CA GLY A 10 3.35 1.90 3.36
C GLY A 10 3.95 0.88 2.39
N VAL A 11 3.57 -0.36 2.51
CA VAL A 11 4.10 -1.39 1.59
C VAL A 11 3.16 -1.57 0.41
N CYS A 12 3.68 -1.93 -0.74
CA CYS A 12 2.82 -2.12 -1.93
C CYS A 12 2.31 -3.56 -1.96
N ILE A 13 1.08 -3.77 -1.57
CA ILE A 13 0.53 -5.14 -1.57
C ILE A 13 -0.37 -5.32 -2.81
N PRO A 14 -0.04 -6.30 -3.61
CA PRO A 14 -0.79 -6.61 -4.84
C PRO A 14 -2.04 -7.43 -4.52
N ILE A 15 -2.62 -7.23 -3.37
CA ILE A 15 -3.85 -7.99 -3.00
C ILE A 15 -4.74 -7.09 -2.16
N ARG A 16 -5.56 -7.64 -1.31
CA ARG A 16 -6.44 -6.78 -0.48
C ARG A 16 -5.71 -6.45 0.83
N CYS A 17 -5.89 -5.25 1.31
CA CYS A 17 -5.19 -4.84 2.57
C CYS A 17 -5.67 -5.71 3.73
N PRO A 18 -4.73 -6.35 4.38
CA PRO A 18 -5.03 -7.22 5.53
C PRO A 18 -5.21 -6.39 6.79
N VAL A 19 -6.35 -6.46 7.41
CA VAL A 19 -6.58 -5.68 8.66
C VAL A 19 -5.65 -6.21 9.74
N PRO A 20 -5.41 -5.41 10.75
CA PRO A 20 -6.00 -4.06 10.86
C PRO A 20 -5.20 -3.03 10.03
N MET A 21 -4.28 -3.48 9.22
CA MET A 21 -3.49 -2.52 8.39
C MET A 21 -4.44 -1.77 7.47
N ARG A 22 -4.31 -0.47 7.39
CA ARG A 22 -5.24 0.31 6.51
C ARG A 22 -4.53 0.67 5.20
N GLN A 23 -5.29 1.08 4.21
CA GLN A 23 -4.69 1.45 2.91
C GLN A 23 -4.23 2.91 2.97
N ILE A 24 -3.22 3.24 2.21
CA ILE A 24 -2.72 4.64 2.21
C ILE A 24 -2.17 4.99 0.83
N GLY A 25 -2.87 4.65 -0.21
CA GLY A 25 -2.38 4.96 -1.58
C GLY A 25 -2.37 3.68 -2.41
N THR A 26 -1.87 3.75 -3.61
CA THR A 26 -1.84 2.53 -4.47
C THR A 26 -0.50 2.45 -5.19
N CYS A 27 -0.19 1.33 -5.77
CA CYS A 27 1.11 1.20 -6.49
C CYS A 27 0.86 0.70 -7.92
N PHE A 28 1.61 1.22 -8.87
CA PHE A 28 1.45 0.78 -10.29
C PHE A 28 0.01 0.98 -10.74
N GLY A 29 -0.63 2.03 -10.28
CA GLY A 29 -2.04 2.26 -10.70
C GLY A 29 -2.97 1.69 -9.63
N ARG A 30 -3.95 0.93 -10.02
CA ARG A 30 -4.89 0.35 -9.01
C ARG A 30 -4.71 -1.16 -8.79
N PRO A 31 -3.69 -1.81 -9.36
CA PRO A 31 -3.51 -3.25 -9.15
C PRO A 31 -2.91 -3.49 -7.76
N VAL A 32 -1.90 -2.75 -7.39
CA VAL A 32 -1.29 -2.93 -6.06
C VAL A 32 -1.74 -1.78 -5.16
N LYS A 33 -1.86 -2.01 -3.88
CA LYS A 33 -2.32 -0.92 -2.99
C LYS A 33 -1.28 -0.70 -1.89
N CYS A 34 -1.23 0.49 -1.34
CA CYS A 34 -0.26 0.78 -0.25
C CYS A 34 -0.92 0.45 1.08
N CYS A 35 -0.22 -0.19 1.97
CA CYS A 35 -0.84 -0.53 3.27
C CYS A 35 0.14 -0.22 4.41
N ARG A 36 -0.34 0.41 5.45
CA ARG A 36 0.53 0.74 6.60
C ARG A 36 -0.31 0.64 7.88
N SER A 37 0.26 0.16 8.96
CA SER A 37 -0.52 0.01 10.21
C SER A 37 -0.44 1.28 11.06
N TRP A 38 0.67 1.95 11.05
CA TRP A 38 0.81 3.18 11.88
C TRP A 38 0.66 4.42 11.00
N ALA A 1 -0.36 5.26 -6.67
CA ALA A 1 -0.21 6.06 -7.92
C ALA A 1 1.15 5.79 -8.55
N PRO A 2 2.22 6.03 -7.81
CA PRO A 2 3.58 5.82 -8.31
C PRO A 2 3.92 4.33 -8.28
N LEU A 3 5.10 3.97 -8.70
CA LEU A 3 5.49 2.53 -8.68
C LEU A 3 5.67 2.09 -7.25
N SER A 4 6.64 2.63 -6.56
CA SER A 4 6.86 2.25 -5.14
C SER A 4 6.08 3.22 -4.25
N CYS A 5 5.82 2.86 -3.03
CA CYS A 5 5.06 3.77 -2.13
C CYS A 5 6.02 4.42 -1.12
N GLY A 6 7.14 4.91 -1.58
CA GLY A 6 8.09 5.56 -0.65
C GLY A 6 7.57 6.94 -0.26
N ARG A 7 6.92 7.62 -1.17
CA ARG A 7 6.38 8.97 -0.87
C ARG A 7 5.30 8.85 0.21
N ASN A 8 4.43 7.89 0.08
CA ASN A 8 3.36 7.71 1.09
C ASN A 8 3.92 6.99 2.31
N GLY A 9 4.96 6.22 2.12
CA GLY A 9 5.54 5.48 3.27
C GLY A 9 4.63 4.29 3.61
N GLY A 10 4.48 3.38 2.69
CA GLY A 10 3.61 2.20 2.95
C GLY A 10 4.10 1.02 2.12
N VAL A 11 3.60 -0.16 2.39
CA VAL A 11 4.04 -1.34 1.62
C VAL A 11 3.11 -1.53 0.42
N CYS A 12 3.65 -1.96 -0.68
CA CYS A 12 2.79 -2.16 -1.90
C CYS A 12 2.18 -3.55 -1.86
N ILE A 13 1.08 -3.71 -1.17
CA ILE A 13 0.43 -5.04 -1.10
C ILE A 13 -0.68 -5.10 -2.16
N PRO A 14 -0.66 -6.13 -2.95
CA PRO A 14 -1.65 -6.33 -4.02
C PRO A 14 -2.97 -6.83 -3.43
N ILE A 15 -3.96 -7.03 -4.26
CA ILE A 15 -5.28 -7.53 -3.77
C ILE A 15 -5.86 -6.51 -2.77
N ARG A 16 -5.78 -6.76 -1.50
CA ARG A 16 -6.35 -5.78 -0.52
C ARG A 16 -5.47 -5.77 0.73
N CYS A 17 -5.58 -4.73 1.52
CA CYS A 17 -4.75 -4.66 2.76
C CYS A 17 -5.38 -5.53 3.85
N PRO A 18 -4.57 -6.34 4.46
CA PRO A 18 -5.01 -7.25 5.54
C PRO A 18 -5.11 -6.47 6.84
N VAL A 19 -6.27 -6.41 7.43
CA VAL A 19 -6.43 -5.66 8.71
C VAL A 19 -5.45 -6.21 9.74
N PRO A 20 -5.07 -5.38 10.68
CA PRO A 20 -5.55 -3.98 10.75
C PRO A 20 -4.77 -3.06 9.79
N MET A 21 -3.98 -3.62 8.91
CA MET A 21 -3.20 -2.77 7.96
C MET A 21 -4.19 -1.96 7.11
N ARG A 22 -4.13 -0.66 7.19
CA ARG A 22 -5.07 0.17 6.40
C ARG A 22 -4.47 0.50 5.04
N GLN A 23 -5.21 1.16 4.19
CA GLN A 23 -4.68 1.52 2.84
C GLN A 23 -4.37 3.01 2.82
N ILE A 24 -3.22 3.38 2.34
CA ILE A 24 -2.86 4.82 2.30
C ILE A 24 -2.59 5.27 0.85
N GLY A 25 -2.71 4.38 -0.11
CA GLY A 25 -2.46 4.80 -1.52
C GLY A 25 -2.40 3.55 -2.40
N THR A 26 -1.79 3.66 -3.56
CA THR A 26 -1.71 2.48 -4.45
C THR A 26 -0.30 2.39 -5.05
N CYS A 27 0.04 1.27 -5.63
CA CYS A 27 1.40 1.12 -6.22
C CYS A 27 1.26 0.66 -7.68
N PHE A 28 2.17 1.05 -8.52
CA PHE A 28 2.10 0.65 -9.96
C PHE A 28 0.74 1.03 -10.52
N GLY A 29 0.26 2.20 -10.20
CA GLY A 29 -1.06 2.62 -10.70
C GLY A 29 -2.11 2.23 -9.65
N ARG A 30 -3.17 1.59 -10.05
CA ARG A 30 -4.20 1.20 -9.06
C ARG A 30 -4.32 -0.35 -8.88
N PRO A 31 -3.42 -1.15 -9.42
CA PRO A 31 -3.50 -2.62 -9.24
C PRO A 31 -3.03 -3.00 -7.85
N VAL A 32 -1.92 -2.45 -7.41
CA VAL A 32 -1.41 -2.78 -6.06
C VAL A 32 -1.84 -1.66 -5.11
N LYS A 33 -1.95 -1.95 -3.84
CA LYS A 33 -2.39 -0.88 -2.89
C LYS A 33 -1.28 -0.62 -1.86
N CYS A 34 -1.30 0.52 -1.26
CA CYS A 34 -0.27 0.86 -0.24
C CYS A 34 -0.84 0.57 1.15
N CYS A 35 -0.45 -0.50 1.76
CA CYS A 35 -0.99 -0.82 3.10
C CYS A 35 0.00 -0.40 4.18
N ARG A 36 -0.48 0.09 5.29
CA ARG A 36 0.43 0.53 6.38
C ARG A 36 -0.21 0.20 7.72
N SER A 37 0.57 0.10 8.75
CA SER A 37 0.00 -0.22 10.09
C SER A 37 -0.63 1.04 10.68
N TRP A 38 -0.16 2.20 10.31
CA TRP A 38 -0.74 3.46 10.85
C TRP A 38 -1.04 4.41 9.70
N ALA A 1 12.00 -0.58 -5.62
CA ALA A 1 11.12 -0.75 -6.80
C ALA A 1 10.56 0.60 -7.22
N PRO A 2 10.05 0.66 -8.43
CA PRO A 2 9.48 1.89 -8.98
C PRO A 2 8.04 2.10 -8.49
N LEU A 3 7.59 3.32 -8.44
CA LEU A 3 6.21 3.61 -7.98
C LEU A 3 5.95 3.01 -6.59
N SER A 4 6.89 3.10 -5.70
CA SER A 4 6.65 2.53 -4.35
C SER A 4 5.91 3.57 -3.51
N CYS A 5 5.40 3.17 -2.37
CA CYS A 5 4.66 4.13 -1.52
C CYS A 5 5.58 4.69 -0.44
N GLY A 6 6.74 5.13 -0.82
CA GLY A 6 7.69 5.70 0.18
C GLY A 6 7.14 7.04 0.68
N ARG A 7 6.49 7.79 -0.17
CA ARG A 7 5.94 9.10 0.27
C ARG A 7 4.86 8.88 1.34
N ASN A 8 4.27 7.72 1.36
CA ASN A 8 3.21 7.46 2.38
C ASN A 8 3.79 6.57 3.49
N GLY A 9 4.94 6.01 3.28
CA GLY A 9 5.55 5.12 4.32
C GLY A 9 4.76 3.81 4.40
N GLY A 10 4.22 3.37 3.31
CA GLY A 10 3.44 2.10 3.34
C GLY A 10 4.04 1.11 2.34
N VAL A 11 3.69 -0.14 2.45
CA VAL A 11 4.24 -1.15 1.51
C VAL A 11 3.23 -1.37 0.37
N CYS A 12 3.71 -1.80 -0.77
CA CYS A 12 2.79 -2.04 -1.91
C CYS A 12 2.33 -3.50 -1.90
N ILE A 13 1.21 -3.76 -1.29
CA ILE A 13 0.70 -5.16 -1.25
C ILE A 13 -0.41 -5.31 -2.29
N PRO A 14 -0.22 -6.25 -3.18
CA PRO A 14 -1.19 -6.52 -4.25
C PRO A 14 -2.37 -7.34 -3.72
N ILE A 15 -3.42 -7.44 -4.50
CA ILE A 15 -4.62 -8.21 -4.07
C ILE A 15 -5.20 -7.60 -2.79
N ARG A 16 -4.85 -8.09 -1.63
CA ARG A 16 -5.38 -7.51 -0.38
C ARG A 16 -4.29 -7.54 0.69
N CYS A 17 -4.48 -6.83 1.76
CA CYS A 17 -3.45 -6.81 2.83
C CYS A 17 -4.05 -7.33 4.13
N PRO A 18 -3.19 -7.69 5.05
CA PRO A 18 -3.59 -8.20 6.36
C PRO A 18 -4.00 -7.04 7.26
N VAL A 19 -4.57 -7.33 8.40
CA VAL A 19 -4.98 -6.23 9.32
C VAL A 19 -3.74 -5.50 9.82
N PRO A 20 -3.92 -4.24 10.13
CA PRO A 20 -5.23 -3.56 10.03
C PRO A 20 -5.53 -3.15 8.59
N MET A 21 -4.60 -3.33 7.68
CA MET A 21 -4.86 -2.96 6.27
C MET A 21 -5.11 -1.45 6.17
N ARG A 22 -4.13 -0.66 6.46
CA ARG A 22 -4.31 0.81 6.37
C ARG A 22 -3.94 1.27 4.96
N GLN A 23 -4.90 1.29 4.08
CA GLN A 23 -4.62 1.72 2.68
C GLN A 23 -4.34 3.22 2.65
N ILE A 24 -3.16 3.59 2.24
CA ILE A 24 -2.80 5.04 2.16
C ILE A 24 -2.41 5.37 0.73
N GLY A 25 -2.98 4.69 -0.23
CA GLY A 25 -2.63 4.96 -1.65
C GLY A 25 -2.48 3.64 -2.39
N THR A 26 -1.94 3.65 -3.58
CA THR A 26 -1.78 2.38 -4.33
C THR A 26 -0.44 2.40 -5.07
N CYS A 27 -0.04 1.28 -5.61
CA CYS A 27 1.26 1.22 -6.35
C CYS A 27 1.02 0.66 -7.74
N PHE A 28 1.79 1.10 -8.70
CA PHE A 28 1.63 0.60 -10.10
C PHE A 28 0.22 0.87 -10.59
N GLY A 29 -0.36 1.97 -10.18
CA GLY A 29 -1.74 2.27 -10.62
C GLY A 29 -2.72 1.81 -9.53
N ARG A 30 -3.77 1.15 -9.91
CA ARG A 30 -4.75 0.68 -8.90
C ARG A 30 -4.68 -0.85 -8.63
N PRO A 31 -3.72 -1.58 -9.20
CA PRO A 31 -3.63 -3.03 -8.96
C PRO A 31 -3.03 -3.29 -7.57
N VAL A 32 -1.92 -2.67 -7.26
CA VAL A 32 -1.31 -2.88 -5.92
C VAL A 32 -1.82 -1.79 -4.99
N LYS A 33 -1.97 -2.10 -3.72
CA LYS A 33 -2.46 -1.06 -2.77
C LYS A 33 -1.38 -0.74 -1.75
N CYS A 34 -1.44 0.42 -1.16
CA CYS A 34 -0.42 0.79 -0.14
C CYS A 34 -0.99 0.55 1.25
N CYS A 35 -0.77 -0.60 1.81
CA CYS A 35 -1.31 -0.88 3.16
C CYS A 35 -0.23 -0.68 4.22
N ARG A 36 -0.61 -0.25 5.38
CA ARG A 36 0.38 -0.03 6.47
C ARG A 36 -0.14 -0.70 7.74
N SER A 37 0.74 -0.95 8.67
CA SER A 37 0.29 -1.60 9.93
C SER A 37 -0.11 -0.52 10.95
N TRP A 38 0.32 0.70 10.75
CA TRP A 38 -0.05 1.78 11.69
C TRP A 38 -0.59 2.97 10.90
N ALA A 1 6.91 -4.14 -9.59
CA ALA A 1 7.84 -5.26 -9.27
C ALA A 1 8.06 -5.36 -7.76
N PRO A 2 8.60 -4.31 -7.18
CA PRO A 2 8.85 -4.27 -5.73
C PRO A 2 7.54 -4.01 -4.99
N LEU A 3 7.49 -4.30 -3.72
CA LEU A 3 6.25 -4.06 -2.95
C LEU A 3 6.51 -2.97 -1.91
N SER A 4 7.09 -1.87 -2.32
CA SER A 4 7.37 -0.79 -1.35
C SER A 4 6.67 0.50 -1.81
N CYS A 5 5.78 1.02 -1.02
CA CYS A 5 5.08 2.27 -1.40
C CYS A 5 5.91 3.46 -0.93
N GLY A 6 6.88 3.85 -1.72
CA GLY A 6 7.73 5.00 -1.31
C GLY A 6 6.94 6.31 -1.38
N ARG A 7 5.91 6.36 -2.19
CA ARG A 7 5.12 7.62 -2.30
C ARG A 7 4.50 7.96 -0.94
N ASN A 8 3.86 7.00 -0.31
CA ASN A 8 3.23 7.29 1.01
C ASN A 8 4.09 6.75 2.14
N GLY A 9 5.16 6.06 1.82
CA GLY A 9 6.03 5.52 2.90
C GLY A 9 5.34 4.31 3.54
N GLY A 10 5.06 3.29 2.78
CA GLY A 10 4.38 2.10 3.34
C GLY A 10 4.69 0.90 2.45
N VAL A 11 3.98 -0.19 2.63
CA VAL A 11 4.25 -1.39 1.78
C VAL A 11 3.27 -1.39 0.60
N CYS A 12 3.45 -2.28 -0.33
CA CYS A 12 2.52 -2.34 -1.50
C CYS A 12 1.95 -3.75 -1.64
N ILE A 13 0.69 -3.92 -1.38
CA ILE A 13 0.07 -5.27 -1.51
C ILE A 13 -0.64 -5.37 -2.86
N PRO A 14 -0.23 -6.34 -3.64
CA PRO A 14 -0.80 -6.58 -4.99
C PRO A 14 -2.14 -7.33 -4.91
N ILE A 15 -2.95 -7.03 -3.93
CA ILE A 15 -4.26 -7.73 -3.83
C ILE A 15 -5.22 -6.85 -3.02
N ARG A 16 -5.16 -6.92 -1.72
CA ARG A 16 -6.07 -6.09 -0.89
C ARG A 16 -5.37 -5.77 0.43
N CYS A 17 -5.96 -4.94 1.24
CA CYS A 17 -5.33 -4.59 2.55
C CYS A 17 -6.04 -5.36 3.66
N PRO A 18 -5.35 -6.30 4.23
CA PRO A 18 -5.90 -7.13 5.33
C PRO A 18 -5.83 -6.37 6.65
N VAL A 19 -6.88 -6.41 7.42
CA VAL A 19 -6.87 -5.70 8.73
C VAL A 19 -5.86 -6.40 9.66
N PRO A 20 -5.43 -5.67 10.67
CA PRO A 20 -5.86 -4.28 10.92
C PRO A 20 -5.11 -3.29 10.01
N MET A 21 -4.30 -3.77 9.10
CA MET A 21 -3.57 -2.84 8.20
C MET A 21 -4.58 -2.04 7.37
N ARG A 22 -4.33 -0.77 7.18
CA ARG A 22 -5.27 0.06 6.39
C ARG A 22 -4.58 0.53 5.11
N GLN A 23 -5.33 0.67 4.05
CA GLN A 23 -4.72 1.13 2.76
C GLN A 23 -4.32 2.60 2.88
N ILE A 24 -3.24 2.98 2.27
CA ILE A 24 -2.79 4.39 2.35
C ILE A 24 -2.29 4.86 0.98
N GLY A 25 -2.92 4.45 -0.08
CA GLY A 25 -2.46 4.88 -1.43
C GLY A 25 -2.48 3.69 -2.38
N THR A 26 -1.99 3.86 -3.58
CA THR A 26 -1.98 2.74 -4.55
C THR A 26 -0.55 2.55 -5.08
N CYS A 27 -0.28 1.41 -5.67
CA CYS A 27 1.10 1.17 -6.20
C CYS A 27 1.00 0.73 -7.67
N PHE A 28 1.87 1.25 -8.50
CA PHE A 28 1.87 0.86 -9.95
C PHE A 28 0.47 1.06 -10.54
N GLY A 29 -0.17 2.14 -10.24
CA GLY A 29 -1.53 2.35 -10.80
C GLY A 29 -2.56 1.85 -9.78
N ARG A 30 -3.51 1.07 -10.21
CA ARG A 30 -4.52 0.55 -9.25
C ARG A 30 -4.44 -0.98 -9.02
N PRO A 31 -3.46 -1.68 -9.58
CA PRO A 31 -3.37 -3.14 -9.35
C PRO A 31 -2.84 -3.41 -7.95
N VAL A 32 -1.84 -2.69 -7.53
CA VAL A 32 -1.28 -2.90 -6.17
C VAL A 32 -1.70 -1.73 -5.30
N LYS A 33 -1.83 -1.92 -4.02
CA LYS A 33 -2.25 -0.79 -3.15
C LYS A 33 -1.23 -0.57 -2.04
N CYS A 34 -1.19 0.61 -1.49
CA CYS A 34 -0.23 0.90 -0.39
C CYS A 34 -0.91 0.57 0.93
N CYS A 35 -0.19 0.05 1.88
CA CYS A 35 -0.84 -0.29 3.18
C CYS A 35 0.07 0.10 4.33
N ARG A 36 -0.48 0.65 5.37
CA ARG A 36 0.35 1.05 6.54
C ARG A 36 -0.50 0.94 7.81
N SER A 37 0.13 0.91 8.94
CA SER A 37 -0.64 0.81 10.22
C SER A 37 -1.10 2.22 10.63
N TRP A 38 -0.31 3.22 10.34
CA TRP A 38 -0.70 4.60 10.71
C TRP A 38 -0.76 5.45 9.44
N ALA A 1 11.99 -5.96 -2.92
CA ALA A 1 11.19 -5.73 -1.68
C ALA A 1 10.38 -4.44 -1.83
N PRO A 2 9.30 -4.37 -1.10
CA PRO A 2 8.40 -3.21 -1.14
C PRO A 2 8.98 -2.06 -0.32
N LEU A 3 9.05 -0.89 -0.90
CA LEU A 3 9.59 0.28 -0.16
C LEU A 3 8.43 1.08 0.44
N SER A 4 8.72 1.98 1.33
CA SER A 4 7.64 2.79 1.95
C SER A 4 6.92 3.58 0.85
N CYS A 5 5.65 3.32 0.66
CA CYS A 5 4.90 4.05 -0.40
C CYS A 5 3.63 4.65 0.21
N GLY A 6 3.03 5.59 -0.45
CA GLY A 6 1.79 6.22 0.10
C GLY A 6 2.17 7.43 0.94
N ARG A 7 1.21 8.14 1.45
CA ARG A 7 1.52 9.34 2.28
C ARG A 7 1.92 8.89 3.68
N ASN A 8 1.27 7.90 4.22
CA ASN A 8 1.62 7.43 5.59
C ASN A 8 2.92 6.62 5.54
N GLY A 9 3.22 6.02 4.42
CA GLY A 9 4.47 5.23 4.33
C GLY A 9 4.15 3.75 4.57
N GLY A 10 3.39 3.15 3.70
CA GLY A 10 3.05 1.71 3.87
C GLY A 10 3.85 0.90 2.85
N VAL A 11 3.35 -0.23 2.46
CA VAL A 11 4.08 -1.04 1.45
C VAL A 11 3.14 -1.38 0.31
N CYS A 12 3.67 -1.53 -0.88
CA CYS A 12 2.80 -1.86 -2.04
C CYS A 12 2.39 -3.33 -1.97
N ILE A 13 1.27 -3.61 -1.37
CA ILE A 13 0.81 -5.02 -1.28
C ILE A 13 -0.29 -5.26 -2.32
N PRO A 14 -0.09 -6.25 -3.13
CA PRO A 14 -1.05 -6.61 -4.19
C PRO A 14 -2.22 -7.39 -3.60
N ILE A 15 -3.22 -7.66 -4.39
CA ILE A 15 -4.39 -8.43 -3.89
C ILE A 15 -4.95 -7.71 -2.64
N ARG A 16 -4.98 -8.35 -1.50
CA ARG A 16 -5.49 -7.67 -0.29
C ARG A 16 -4.39 -7.60 0.76
N CYS A 17 -4.46 -6.65 1.64
CA CYS A 17 -3.41 -6.52 2.69
C CYS A 17 -3.92 -7.11 4.01
N PRO A 18 -3.00 -7.44 4.87
CA PRO A 18 -3.31 -8.03 6.18
C PRO A 18 -3.76 -6.93 7.15
N VAL A 19 -4.31 -7.30 8.28
CA VAL A 19 -4.77 -6.29 9.27
C VAL A 19 -3.57 -5.44 9.72
N PRO A 20 -3.83 -4.20 10.01
CA PRO A 20 -5.18 -3.60 9.92
C PRO A 20 -5.54 -3.23 8.47
N MET A 21 -4.63 -3.41 7.56
CA MET A 21 -4.91 -3.07 6.13
C MET A 21 -5.20 -1.57 6.00
N ARG A 22 -4.28 -0.76 6.43
CA ARG A 22 -4.50 0.72 6.32
C ARG A 22 -3.94 1.18 4.97
N GLN A 23 -4.73 1.13 3.95
CA GLN A 23 -4.25 1.56 2.61
C GLN A 23 -4.12 3.08 2.58
N ILE A 24 -2.99 3.57 2.16
CA ILE A 24 -2.78 5.04 2.10
C ILE A 24 -2.24 5.41 0.72
N GLY A 25 -2.74 4.76 -0.30
CA GLY A 25 -2.26 5.05 -1.69
C GLY A 25 -2.33 3.77 -2.50
N THR A 26 -1.95 3.81 -3.74
CA THR A 26 -2.02 2.59 -4.57
C THR A 26 -0.70 2.41 -5.35
N CYS A 27 -0.43 1.23 -5.81
CA CYS A 27 0.83 0.99 -6.56
C CYS A 27 0.52 0.27 -7.87
N PHE A 28 1.20 0.64 -8.92
CA PHE A 28 0.97 -0.01 -10.25
C PHE A 28 -0.50 0.10 -10.65
N GLY A 29 -1.13 1.19 -10.34
CA GLY A 29 -2.57 1.34 -10.70
C GLY A 29 -3.45 0.93 -9.52
N ARG A 30 -4.45 0.14 -9.76
CA ARG A 30 -5.36 -0.27 -8.65
C ARG A 30 -5.12 -1.73 -8.17
N PRO A 31 -4.22 -2.50 -8.77
CA PRO A 31 -3.99 -3.88 -8.32
C PRO A 31 -3.19 -3.90 -7.01
N VAL A 32 -2.19 -3.09 -6.89
CA VAL A 32 -1.39 -3.09 -5.63
C VAL A 32 -1.78 -1.86 -4.81
N LYS A 33 -1.75 -1.96 -3.51
CA LYS A 33 -2.13 -0.78 -2.68
C LYS A 33 -1.08 -0.54 -1.60
N CYS A 34 -1.00 0.67 -1.11
CA CYS A 34 0.00 0.98 -0.05
C CYS A 34 -0.64 0.74 1.31
N CYS A 35 -0.66 -0.47 1.77
CA CYS A 35 -1.29 -0.75 3.09
C CYS A 35 -0.23 -0.68 4.19
N ARG A 36 -0.59 -0.14 5.32
CA ARG A 36 0.39 -0.04 6.44
C ARG A 36 -0.06 -1.00 7.55
N SER A 37 0.87 -1.49 8.33
CA SER A 37 0.49 -2.42 9.42
C SER A 37 0.19 -1.64 10.70
N TRP A 38 0.45 -0.36 10.72
CA TRP A 38 0.17 0.44 11.94
C TRP A 38 -0.21 1.87 11.52
N ALA A 1 1.97 7.59 -13.93
CA ALA A 1 3.15 7.82 -13.05
C ALA A 1 3.38 6.57 -12.20
N PRO A 2 4.59 6.42 -11.73
CA PRO A 2 4.98 5.28 -10.89
C PRO A 2 4.47 5.49 -9.46
N LEU A 3 3.27 5.08 -9.18
CA LEU A 3 2.72 5.27 -7.81
C LEU A 3 3.34 4.26 -6.85
N SER A 4 3.73 4.70 -5.69
CA SER A 4 4.32 3.79 -4.69
C SER A 4 4.05 4.36 -3.30
N CYS A 5 4.46 3.67 -2.27
CA CYS A 5 4.20 4.19 -0.89
C CYS A 5 5.50 4.74 -0.31
N GLY A 6 6.31 5.37 -1.12
CA GLY A 6 7.59 5.93 -0.60
C GLY A 6 7.30 7.14 0.28
N ARG A 7 6.49 8.05 -0.20
CA ARG A 7 6.17 9.25 0.62
C ARG A 7 5.18 8.85 1.72
N ASN A 8 4.28 7.96 1.41
CA ASN A 8 3.29 7.53 2.44
C ASN A 8 4.00 6.70 3.52
N GLY A 9 5.03 6.00 3.16
CA GLY A 9 5.76 5.17 4.15
C GLY A 9 4.98 3.88 4.40
N GLY A 10 4.60 3.20 3.37
CA GLY A 10 3.84 1.93 3.55
C GLY A 10 4.38 0.87 2.60
N VAL A 11 3.71 -0.25 2.49
CA VAL A 11 4.20 -1.32 1.57
C VAL A 11 3.22 -1.46 0.41
N CYS A 12 3.67 -1.99 -0.70
CA CYS A 12 2.77 -2.16 -1.87
C CYS A 12 2.15 -3.56 -1.85
N ILE A 13 1.05 -3.72 -1.17
CA ILE A 13 0.41 -5.06 -1.12
C ILE A 13 -0.70 -5.12 -2.16
N PRO A 14 -0.70 -6.17 -2.93
CA PRO A 14 -1.70 -6.38 -3.99
C PRO A 14 -3.02 -6.84 -3.38
N ILE A 15 -4.06 -6.92 -4.18
CA ILE A 15 -5.39 -7.36 -3.68
C ILE A 15 -5.90 -6.36 -2.63
N ARG A 16 -5.68 -6.61 -1.36
CA ARG A 16 -6.16 -5.65 -0.33
C ARG A 16 -5.23 -5.69 0.88
N CYS A 17 -5.31 -4.72 1.74
CA CYS A 17 -4.43 -4.72 2.94
C CYS A 17 -5.12 -5.50 4.06
N PRO A 18 -4.37 -6.38 4.68
CA PRO A 18 -4.88 -7.21 5.78
C PRO A 18 -4.92 -6.39 7.07
N VAL A 19 -6.02 -6.44 7.78
CA VAL A 19 -6.12 -5.65 9.04
C VAL A 19 -5.07 -6.16 10.03
N PRO A 20 -4.68 -5.30 10.94
CA PRO A 20 -5.21 -3.92 11.03
C PRO A 20 -4.53 -2.99 10.02
N MET A 21 -3.72 -3.51 9.13
CA MET A 21 -3.04 -2.64 8.14
C MET A 21 -4.09 -1.98 7.24
N ARG A 22 -4.14 -0.68 7.22
CA ARG A 22 -5.14 0.02 6.37
C ARG A 22 -4.52 0.38 5.02
N GLN A 23 -5.28 0.96 4.14
CA GLN A 23 -4.74 1.35 2.82
C GLN A 23 -4.25 2.80 2.91
N ILE A 24 -3.21 3.13 2.18
CA ILE A 24 -2.69 4.52 2.23
C ILE A 24 -2.15 4.92 0.86
N GLY A 25 -2.87 4.58 -0.19
CA GLY A 25 -2.39 4.95 -1.55
C GLY A 25 -2.45 3.72 -2.45
N THR A 26 -1.83 3.78 -3.60
CA THR A 26 -1.85 2.61 -4.51
C THR A 26 -0.46 2.44 -5.13
N CYS A 27 -0.21 1.32 -5.75
CA CYS A 27 1.13 1.10 -6.37
C CYS A 27 0.97 0.65 -7.82
N PHE A 28 1.81 1.16 -8.70
CA PHE A 28 1.74 0.77 -10.13
C PHE A 28 0.35 1.06 -10.68
N GLY A 29 -0.24 2.16 -10.31
CA GLY A 29 -1.60 2.48 -10.80
C GLY A 29 -2.62 1.99 -9.77
N ARG A 30 -3.61 1.27 -10.18
CA ARG A 30 -4.62 0.78 -9.20
C ARG A 30 -4.58 -0.76 -8.99
N PRO A 31 -3.59 -1.48 -9.52
CA PRO A 31 -3.55 -2.94 -9.32
C PRO A 31 -3.05 -3.25 -7.90
N VAL A 32 -1.96 -2.67 -7.51
CA VAL A 32 -1.44 -2.92 -6.14
C VAL A 32 -1.86 -1.75 -5.25
N LYS A 33 -1.96 -1.96 -3.96
CA LYS A 33 -2.38 -0.84 -3.07
C LYS A 33 -1.31 -0.59 -2.01
N CYS A 34 -1.33 0.56 -1.42
CA CYS A 34 -0.34 0.88 -0.36
C CYS A 34 -0.96 0.54 0.98
N CYS A 35 -0.25 -0.14 1.83
CA CYS A 35 -0.84 -0.51 3.15
C CYS A 35 0.08 -0.03 4.27
N ARG A 36 -0.50 0.43 5.35
CA ARG A 36 0.33 0.90 6.49
C ARG A 36 -0.31 0.44 7.80
N SER A 37 0.48 0.04 8.75
CA SER A 37 -0.09 -0.43 10.04
C SER A 37 -0.61 0.76 10.84
N TRP A 38 -0.14 1.95 10.56
CA TRP A 38 -0.61 3.14 11.31
C TRP A 38 -1.11 4.18 10.31
N ALA A 1 -0.89 5.20 -7.85
CA ALA A 1 -0.05 6.43 -7.77
C ALA A 1 1.41 6.04 -7.98
N PRO A 2 2.22 7.01 -8.32
CA PRO A 2 3.65 6.81 -8.55
C PRO A 2 4.39 6.68 -7.21
N LEU A 3 5.65 6.34 -7.25
CA LEU A 3 6.44 6.20 -5.98
C LEU A 3 5.97 4.95 -5.22
N SER A 4 6.88 4.14 -4.78
CA SER A 4 6.48 2.91 -4.04
C SER A 4 5.92 3.30 -2.66
N CYS A 5 4.66 3.61 -2.60
CA CYS A 5 4.04 3.99 -1.31
C CYS A 5 4.80 5.15 -0.68
N GLY A 6 5.20 6.11 -1.46
CA GLY A 6 5.95 7.28 -0.90
C GLY A 6 4.96 8.26 -0.26
N ARG A 7 3.69 8.03 -0.40
CA ARG A 7 2.70 8.96 0.21
C ARG A 7 2.83 8.95 1.72
N ASN A 8 2.63 7.80 2.34
CA ASN A 8 2.75 7.73 3.82
C ASN A 8 3.84 6.74 4.21
N GLY A 9 4.66 6.32 3.28
CA GLY A 9 5.73 5.35 3.63
C GLY A 9 5.11 4.02 4.06
N GLY A 10 4.53 3.31 3.14
CA GLY A 10 3.91 1.99 3.49
C GLY A 10 4.47 0.92 2.56
N VAL A 11 3.75 -0.16 2.38
CA VAL A 11 4.25 -1.23 1.48
C VAL A 11 3.25 -1.45 0.34
N CYS A 12 3.74 -1.80 -0.82
CA CYS A 12 2.82 -2.02 -1.98
C CYS A 12 2.28 -3.45 -1.92
N ILE A 13 1.18 -3.65 -1.25
CA ILE A 13 0.60 -5.02 -1.16
C ILE A 13 -0.52 -5.16 -2.20
N PRO A 14 -0.45 -6.22 -2.95
CA PRO A 14 -1.44 -6.51 -4.00
C PRO A 14 -2.72 -7.06 -3.36
N ILE A 15 -3.71 -7.33 -4.17
CA ILE A 15 -4.99 -7.88 -3.63
C ILE A 15 -5.58 -6.89 -2.62
N ARG A 16 -5.39 -7.09 -1.34
CA ARG A 16 -5.96 -6.14 -0.35
C ARG A 16 -5.06 -6.08 0.88
N CYS A 17 -5.16 -5.05 1.65
CA CYS A 17 -4.31 -4.93 2.87
C CYS A 17 -4.77 -5.94 3.92
N PRO A 18 -3.81 -6.43 4.67
CA PRO A 18 -4.08 -7.40 5.74
C PRO A 18 -4.60 -6.68 6.98
N VAL A 19 -4.61 -7.35 8.11
CA VAL A 19 -5.11 -6.69 9.35
C VAL A 19 -4.16 -6.98 10.50
N PRO A 20 -3.94 -5.99 11.32
CA PRO A 20 -4.55 -4.66 11.16
C PRO A 20 -3.72 -3.81 10.17
N MET A 21 -4.22 -3.55 9.00
CA MET A 21 -3.44 -2.73 8.03
C MET A 21 -4.41 -1.98 7.12
N ARG A 22 -4.40 -0.68 7.14
CA ARG A 22 -5.34 0.09 6.28
C ARG A 22 -4.65 0.44 4.97
N GLN A 23 -5.36 1.11 4.08
CA GLN A 23 -4.74 1.49 2.78
C GLN A 23 -4.19 2.91 2.87
N ILE A 24 -3.09 3.19 2.23
CA ILE A 24 -2.51 4.55 2.28
C ILE A 24 -1.94 4.91 0.90
N GLY A 25 -2.71 4.71 -0.14
CA GLY A 25 -2.22 5.04 -1.50
C GLY A 25 -2.33 3.80 -2.39
N THR A 26 -1.84 3.88 -3.60
CA THR A 26 -1.93 2.71 -4.51
C THR A 26 -0.56 2.47 -5.17
N CYS A 27 -0.37 1.33 -5.77
CA CYS A 27 0.93 1.04 -6.43
C CYS A 27 0.70 0.46 -7.82
N PHE A 28 1.46 0.91 -8.79
CA PHE A 28 1.32 0.41 -10.18
C PHE A 28 -0.12 0.60 -10.67
N GLY A 29 -0.74 1.69 -10.30
CA GLY A 29 -2.14 1.93 -10.75
C GLY A 29 -3.10 1.45 -9.67
N ARG A 30 -4.10 0.70 -10.03
CA ARG A 30 -5.06 0.21 -9.01
C ARG A 30 -4.91 -1.31 -8.68
N PRO A 31 -3.95 -2.02 -9.27
CA PRO A 31 -3.79 -3.46 -8.96
C PRO A 31 -3.15 -3.62 -7.58
N VAL A 32 -2.06 -2.96 -7.34
CA VAL A 32 -1.41 -3.07 -6.00
C VAL A 32 -1.80 -1.85 -5.18
N LYS A 33 -1.88 -1.97 -3.89
CA LYS A 33 -2.28 -0.82 -3.06
C LYS A 33 -1.26 -0.60 -1.96
N CYS A 34 -1.27 0.56 -1.36
CA CYS A 34 -0.31 0.84 -0.26
C CYS A 34 -0.97 0.48 1.06
N CYS A 35 -0.33 -0.27 1.90
CA CYS A 35 -0.96 -0.64 3.19
C CYS A 35 -0.05 -0.25 4.35
N ARG A 36 -0.62 0.23 5.42
CA ARG A 36 0.21 0.62 6.60
C ARG A 36 -0.52 0.21 7.87
N SER A 37 0.18 -0.38 8.80
CA SER A 37 -0.46 -0.80 10.07
C SER A 37 -0.58 0.40 11.01
N TRP A 38 0.28 1.36 10.86
CA TRP A 38 0.21 2.57 11.74
C TRP A 38 0.06 3.81 10.87
N ALA A 1 -0.53 16.95 1.84
CA ALA A 1 -0.73 16.82 0.37
C ALA A 1 0.03 15.58 -0.12
N PRO A 2 1.33 15.59 0.01
CA PRO A 2 2.16 14.46 -0.43
C PRO A 2 2.08 13.32 0.57
N LEU A 3 1.06 12.51 0.48
CA LEU A 3 0.93 11.37 1.44
C LEU A 3 1.82 10.24 0.95
N SER A 4 1.53 9.73 -0.22
CA SER A 4 2.35 8.63 -0.80
C SER A 4 2.37 7.42 0.14
N CYS A 5 3.18 6.45 -0.15
CA CYS A 5 3.26 5.24 0.72
C CYS A 5 4.57 5.27 1.51
N GLY A 6 5.58 5.93 1.00
CA GLY A 6 6.87 5.98 1.75
C GLY A 6 6.74 6.92 2.93
N ARG A 7 6.18 8.07 2.74
CA ARG A 7 6.02 9.03 3.87
C ARG A 7 5.10 8.42 4.93
N ASN A 8 4.05 7.77 4.54
CA ASN A 8 3.13 7.17 5.54
C ASN A 8 3.76 5.90 6.12
N GLY A 9 4.63 5.26 5.39
CA GLY A 9 5.27 4.02 5.91
C GLY A 9 4.45 2.81 5.49
N GLY A 10 3.79 2.89 4.36
CA GLY A 10 2.98 1.72 3.90
C GLY A 10 3.74 1.03 2.78
N VAL A 11 3.48 -0.22 2.54
CA VAL A 11 4.19 -0.94 1.46
C VAL A 11 3.21 -1.27 0.33
N CYS A 12 3.72 -1.50 -0.85
CA CYS A 12 2.84 -1.84 -1.99
C CYS A 12 2.43 -3.30 -1.91
N ILE A 13 1.31 -3.59 -1.29
CA ILE A 13 0.86 -4.99 -1.18
C ILE A 13 -0.23 -5.27 -2.23
N PRO A 14 0.01 -6.25 -3.04
CA PRO A 14 -0.94 -6.64 -4.10
C PRO A 14 -2.08 -7.46 -3.51
N ILE A 15 -3.10 -7.72 -4.29
CA ILE A 15 -4.25 -8.52 -3.78
C ILE A 15 -4.84 -7.83 -2.54
N ARG A 16 -4.63 -8.38 -1.36
CA ARG A 16 -5.18 -7.72 -0.14
C ARG A 16 -4.04 -7.42 0.82
N CYS A 17 -4.33 -6.79 1.93
CA CYS A 17 -3.26 -6.49 2.91
C CYS A 17 -3.67 -7.02 4.29
N PRO A 18 -2.68 -7.23 5.12
CA PRO A 18 -2.90 -7.73 6.48
C PRO A 18 -3.40 -6.59 7.39
N VAL A 19 -3.82 -6.91 8.57
CA VAL A 19 -4.32 -5.85 9.50
C VAL A 19 -3.15 -4.94 9.91
N PRO A 20 -3.47 -3.72 10.24
CA PRO A 20 -4.85 -3.21 10.23
C PRO A 20 -5.30 -2.85 8.81
N MET A 21 -4.48 -3.11 7.82
CA MET A 21 -4.86 -2.79 6.42
C MET A 21 -5.08 -1.29 6.26
N ARG A 22 -4.10 -0.50 6.57
CA ARG A 22 -4.26 0.97 6.43
C ARG A 22 -3.84 1.38 5.03
N GLN A 23 -4.75 1.40 4.11
CA GLN A 23 -4.41 1.77 2.71
C GLN A 23 -4.19 3.28 2.63
N ILE A 24 -3.02 3.70 2.26
CA ILE A 24 -2.74 5.16 2.14
C ILE A 24 -2.31 5.48 0.72
N GLY A 25 -2.82 4.76 -0.25
CA GLY A 25 -2.42 5.03 -1.66
C GLY A 25 -2.44 3.71 -2.43
N THR A 26 -2.08 3.75 -3.69
CA THR A 26 -2.08 2.49 -4.48
C THR A 26 -0.79 2.39 -5.30
N CYS A 27 -0.45 1.22 -5.75
CA CYS A 27 0.80 1.06 -6.54
C CYS A 27 0.48 0.37 -7.87
N PHE A 28 1.13 0.79 -8.93
CA PHE A 28 0.89 0.17 -10.27
C PHE A 28 -0.59 0.25 -10.63
N GLY A 29 -1.25 1.31 -10.24
CA GLY A 29 -2.70 1.43 -10.58
C GLY A 29 -3.52 0.90 -9.41
N ARG A 30 -4.49 0.07 -9.68
CA ARG A 30 -5.34 -0.46 -8.58
C ARG A 30 -5.03 -1.93 -8.20
N PRO A 31 -4.07 -2.59 -8.84
CA PRO A 31 -3.77 -4.00 -8.50
C PRO A 31 -3.00 -4.06 -7.17
N VAL A 32 -2.03 -3.20 -7.01
CA VAL A 32 -1.27 -3.20 -5.74
C VAL A 32 -1.70 -1.98 -4.93
N LYS A 33 -1.72 -2.09 -3.63
CA LYS A 33 -2.16 -0.93 -2.80
C LYS A 33 -1.11 -0.62 -1.73
N CYS A 34 -1.06 0.59 -1.27
CA CYS A 34 -0.08 0.94 -0.21
C CYS A 34 -0.73 0.69 1.14
N CYS A 35 -0.73 -0.53 1.59
CA CYS A 35 -1.37 -0.83 2.90
C CYS A 35 -0.31 -0.78 4.01
N ARG A 36 -0.70 -0.30 5.16
CA ARG A 36 0.27 -0.23 6.28
C ARG A 36 -0.04 -1.35 7.26
N SER A 37 0.97 -1.90 7.89
CA SER A 37 0.73 -3.00 8.87
C SER A 37 0.64 -2.42 10.27
N TRP A 38 0.37 -1.14 10.39
CA TRP A 38 0.28 -0.51 11.73
C TRP A 38 -0.39 0.85 11.56
N ALA A 1 11.79 9.55 -10.37
CA ALA A 1 10.65 8.61 -10.42
C ALA A 1 9.83 8.73 -9.15
N PRO A 2 8.60 8.31 -9.22
CA PRO A 2 7.68 8.36 -8.07
C PRO A 2 8.01 7.25 -7.07
N LEU A 3 8.07 7.58 -5.80
CA LEU A 3 8.39 6.55 -4.78
C LEU A 3 7.16 5.68 -4.53
N SER A 4 7.26 4.41 -4.85
CA SER A 4 6.11 3.51 -4.60
C SER A 4 5.82 3.48 -3.10
N CYS A 5 4.62 3.79 -2.71
CA CYS A 5 4.28 3.80 -1.25
C CYS A 5 5.18 4.80 -0.52
N GLY A 6 5.65 5.82 -1.19
CA GLY A 6 6.52 6.81 -0.51
C GLY A 6 5.64 7.86 0.19
N ARG A 7 4.85 8.57 -0.57
CA ARG A 7 3.96 9.60 0.05
C ARG A 7 2.88 8.89 0.86
N ASN A 8 3.14 8.63 2.12
CA ASN A 8 2.15 7.93 2.97
C ASN A 8 1.70 6.66 2.25
N GLY A 9 2.60 5.74 2.06
CA GLY A 9 2.23 4.48 1.36
C GLY A 9 2.52 3.29 2.28
N GLY A 10 3.76 3.08 2.63
CA GLY A 10 4.08 1.92 3.51
C GLY A 10 4.61 0.78 2.65
N VAL A 11 3.78 -0.16 2.31
CA VAL A 11 4.25 -1.29 1.46
C VAL A 11 3.25 -1.54 0.33
N CYS A 12 3.74 -1.86 -0.84
CA CYS A 12 2.83 -2.11 -2.00
C CYS A 12 2.32 -3.54 -1.92
N ILE A 13 1.16 -3.75 -1.34
CA ILE A 13 0.62 -5.13 -1.25
C ILE A 13 -0.46 -5.32 -2.32
N PRO A 14 -0.27 -6.31 -3.15
CA PRO A 14 -1.21 -6.63 -4.23
C PRO A 14 -2.41 -7.40 -3.65
N ILE A 15 -3.39 -7.69 -4.48
CA ILE A 15 -4.58 -8.43 -3.99
C ILE A 15 -5.16 -7.68 -2.77
N ARG A 16 -5.25 -8.31 -1.63
CA ARG A 16 -5.80 -7.59 -0.44
C ARG A 16 -4.81 -7.68 0.71
N CYS A 17 -4.57 -6.59 1.39
CA CYS A 17 -3.62 -6.62 2.52
C CYS A 17 -4.30 -7.29 3.72
N PRO A 18 -3.50 -7.71 4.66
CA PRO A 18 -3.98 -8.38 5.88
C PRO A 18 -4.56 -7.35 6.86
N VAL A 19 -5.37 -7.79 7.78
CA VAL A 19 -5.97 -6.84 8.77
C VAL A 19 -4.85 -6.20 9.59
N PRO A 20 -5.07 -4.97 9.99
CA PRO A 20 -6.30 -4.23 9.69
C PRO A 20 -6.30 -3.70 8.25
N MET A 21 -5.17 -3.74 7.59
CA MET A 21 -5.10 -3.25 6.18
C MET A 21 -5.45 -1.76 6.11
N ARG A 22 -4.48 -0.91 6.31
CA ARG A 22 -4.76 0.55 6.23
C ARG A 22 -4.30 1.07 4.87
N GLN A 23 -5.15 1.03 3.89
CA GLN A 23 -4.76 1.51 2.54
C GLN A 23 -4.58 3.03 2.58
N ILE A 24 -3.37 3.49 2.46
CA ILE A 24 -3.13 4.96 2.49
C ILE A 24 -2.67 5.43 1.11
N GLY A 25 -2.48 4.53 0.18
CA GLY A 25 -2.03 4.94 -1.18
C GLY A 25 -2.25 3.78 -2.15
N THR A 26 -1.77 3.90 -3.35
CA THR A 26 -1.96 2.80 -4.33
C THR A 26 -0.61 2.45 -4.97
N CYS A 27 -0.54 1.34 -5.65
CA CYS A 27 0.76 0.95 -6.29
C CYS A 27 0.48 0.39 -7.69
N PHE A 28 1.14 0.93 -8.68
CA PHE A 28 0.94 0.44 -10.07
C PHE A 28 -0.54 0.52 -10.45
N GLY A 29 -1.22 1.55 -10.04
CA GLY A 29 -2.65 1.68 -10.39
C GLY A 29 -3.50 1.14 -9.23
N ARG A 30 -4.52 0.38 -9.54
CA ARG A 30 -5.40 -0.17 -8.47
C ARG A 30 -5.11 -1.66 -8.14
N PRO A 31 -4.18 -2.33 -8.81
CA PRO A 31 -3.90 -3.74 -8.49
C PRO A 31 -3.11 -3.83 -7.19
N VAL A 32 -2.04 -3.12 -7.08
CA VAL A 32 -1.26 -3.15 -5.83
C VAL A 32 -1.66 -1.92 -5.01
N LYS A 33 -1.64 -2.01 -3.71
CA LYS A 33 -2.06 -0.84 -2.90
C LYS A 33 -1.04 -0.57 -1.80
N CYS A 34 -1.01 0.64 -1.33
CA CYS A 34 -0.05 0.98 -0.24
C CYS A 34 -0.75 0.75 1.10
N CYS A 35 -0.51 -0.37 1.70
CA CYS A 35 -1.16 -0.66 3.01
C CYS A 35 -0.17 -0.41 4.14
N ARG A 36 -0.63 0.14 5.23
CA ARG A 36 0.29 0.39 6.37
C ARG A 36 -0.48 0.16 7.67
N SER A 37 0.12 0.49 8.78
CA SER A 37 -0.57 0.28 10.08
C SER A 37 -1.05 -1.17 10.18
N TRP A 38 -0.16 -2.10 9.92
CA TRP A 38 -0.55 -3.53 9.98
C TRP A 38 -0.21 -4.07 11.37
#